data_7QUY
#
_entry.id   7QUY
#
_cell.length_a   75.423
_cell.length_b   239.331
_cell.length_c   168.456
_cell.angle_alpha   90.000
_cell.angle_beta   90.000
_cell.angle_gamma   90.000
#
_symmetry.space_group_name_H-M   'C 2 2 21'
#
loop_
_entity.id
_entity.type
_entity.pdbx_description
1 polymer '6-hydroxycyclohex-1-ene-1-carbonyl-CoA dehydrogenase'
2 non-polymer NICOTINAMIDE-ADENINE-DINUCLEOTIDE
3 non-polymer 'SULFATE ION'
4 non-polymer 'ZINC ION'
5 water water
#
_entity_poly.entity_id   1
_entity_poly.type   'polypeptide(L)'
_entity_poly.pdbx_seq_one_letter_code
;MSSNPHRWMMTSPGAPMVRAEFEIGELSADQVVVAVAGCGVCHTDLGYYYDSVRTNHALPLALGHEISGRVVQAGANAAQ
WLGRAVIVPAVMPCGTCELCTSGHGTICRDQVMPGNDIQGGFASHVVVPARGLCPVDEARLAAAGLQLADVSVVADAVTT
PYQAVLQAGVEPGDVAVVIGVGGVGGYAVQIANAFGASVVAIDVDPAKLEMMSKHGAALTLNAREISGRDLKKAIEAHAK
ANGLRLTRWKIFECSGTGAGQTSAYGLLTHGATLAVVGFTMDKVEVRLSNLMAFHARALGNWGCLPEYYPAALDLVLDKK
IDLASFIERHPLDQIGEVFAAAHAHKLTRRAILT
;
_entity_poly.pdbx_strand_id   A,B,C
#
loop_
_chem_comp.id
_chem_comp.type
_chem_comp.name
_chem_comp.formula
NAD non-polymer NICOTINAMIDE-ADENINE-DINUCLEOTIDE 'C21 H27 N7 O14 P2'
SO4 non-polymer 'SULFATE ION' 'O4 S -2'
ZN non-polymer 'ZINC ION' 'Zn 2'
#
# COMPACT_ATOMS: atom_id res chain seq x y z
N SER A 3 15.73 -46.87 47.82
CA SER A 3 15.28 -45.87 48.83
C SER A 3 16.10 -44.56 48.78
N ASN A 4 17.16 -44.47 47.98
CA ASN A 4 17.87 -43.21 47.61
C ASN A 4 17.59 -42.90 46.15
N PRO A 5 17.37 -41.62 45.78
CA PRO A 5 17.26 -41.25 44.37
C PRO A 5 18.60 -41.54 43.66
N HIS A 6 18.54 -42.03 42.42
CA HIS A 6 19.73 -42.39 41.61
C HIS A 6 19.57 -41.90 40.17
N ARG A 7 20.71 -41.74 39.48
CA ARG A 7 20.78 -41.46 38.03
C ARG A 7 21.74 -42.43 37.35
N TRP A 8 21.59 -42.57 36.04
CA TRP A 8 22.56 -43.26 35.17
C TRP A 8 23.32 -42.21 34.35
N MET A 9 24.60 -42.06 34.66
CA MET A 9 25.41 -40.90 34.19
C MET A 9 26.37 -41.37 33.10
N MET A 10 26.55 -40.55 32.06
CA MET A 10 27.66 -40.68 31.10
C MET A 10 28.89 -40.05 31.76
N THR A 11 29.89 -40.87 32.11
CA THR A 11 31.20 -40.39 32.63
C THR A 11 32.10 -39.97 31.47
N SER A 12 31.99 -40.67 30.35
CA SER A 12 32.85 -40.52 29.16
C SER A 12 32.17 -41.14 27.96
N PRO A 13 32.27 -40.52 26.76
CA PRO A 13 31.72 -41.14 25.55
C PRO A 13 32.21 -42.58 25.37
N GLY A 14 31.26 -43.53 25.22
CA GLY A 14 31.54 -44.95 24.92
C GLY A 14 31.80 -45.79 26.16
N ALA A 15 32.18 -45.15 27.28
CA ALA A 15 32.39 -45.79 28.59
C ALA A 15 31.07 -46.22 29.16
N PRO A 16 31.04 -47.24 30.05
CA PRO A 16 29.78 -47.68 30.68
C PRO A 16 29.06 -46.56 31.43
N MET A 17 27.72 -46.59 31.39
CA MET A 17 26.87 -45.73 32.24
C MET A 17 27.06 -46.16 33.70
N VAL A 18 27.07 -45.20 34.62
CA VAL A 18 27.35 -45.45 36.07
C VAL A 18 26.08 -45.12 36.86
N ARG A 19 25.66 -46.05 37.70
CA ARG A 19 24.54 -45.82 38.64
C ARG A 19 25.11 -45.00 39.81
N ALA A 20 24.67 -43.76 39.95
CA ALA A 20 25.10 -42.87 41.05
C ALA A 20 23.88 -42.40 41.83
N GLU A 21 23.80 -42.76 43.11
CA GLU A 21 22.76 -42.24 44.04
C GLU A 21 23.16 -40.80 44.38
N PHE A 22 22.21 -40.00 44.86
CA PHE A 22 22.44 -38.56 45.16
C PHE A 22 21.41 -38.10 46.19
N GLU A 23 21.67 -36.93 46.78
CA GLU A 23 20.77 -36.27 47.74
C GLU A 23 20.17 -35.06 47.03
N ILE A 24 18.84 -34.92 47.11
CA ILE A 24 18.12 -33.66 46.77
C ILE A 24 18.22 -32.75 48.00
N GLY A 25 18.73 -31.53 47.81
CA GLY A 25 18.96 -30.60 48.92
C GLY A 25 17.72 -29.81 49.26
N GLU A 26 17.89 -28.62 49.86
CA GLU A 26 16.89 -27.52 49.91
C GLU A 26 16.63 -27.12 48.46
N LEU A 27 15.37 -26.84 48.10
CA LEU A 27 15.00 -26.35 46.75
C LEU A 27 14.90 -24.81 46.74
N SER A 28 15.39 -24.15 45.71
CA SER A 28 15.09 -22.71 45.45
C SER A 28 13.60 -22.57 45.16
N ALA A 29 13.09 -21.34 45.16
CA ALA A 29 11.65 -21.02 45.27
C ALA A 29 10.86 -21.56 44.07
N ASP A 30 11.48 -21.64 42.89
CA ASP A 30 10.78 -21.95 41.60
C ASP A 30 11.17 -23.34 41.10
N GLN A 31 11.73 -24.18 41.97
CA GLN A 31 12.29 -25.51 41.60
C GLN A 31 11.33 -26.60 42.08
N VAL A 32 11.27 -27.70 41.35
CA VAL A 32 10.51 -28.91 41.76
C VAL A 32 11.37 -30.13 41.42
N VAL A 33 11.11 -31.22 42.14
CA VAL A 33 11.62 -32.57 41.85
C VAL A 33 10.50 -33.31 41.14
N VAL A 34 10.76 -33.85 39.95
CA VAL A 34 9.77 -34.76 39.33
C VAL A 34 10.33 -36.17 39.46
N ALA A 35 9.52 -37.06 40.02
CA ALA A 35 9.74 -38.52 40.00
C ALA A 35 9.46 -39.00 38.59
N VAL A 36 10.51 -39.33 37.84
CA VAL A 36 10.41 -39.76 36.42
C VAL A 36 9.48 -40.99 36.35
N ALA A 37 8.48 -40.93 35.46
CA ALA A 37 7.65 -42.06 35.01
C ALA A 37 8.34 -42.74 33.84
N GLY A 38 8.77 -41.92 32.87
CA GLY A 38 9.55 -42.37 31.70
C GLY A 38 10.42 -41.25 31.17
N CYS A 39 11.45 -41.61 30.41
CA CYS A 39 12.31 -40.67 29.67
C CYS A 39 12.69 -41.28 28.33
N GLY A 40 12.41 -40.55 27.24
CA GLY A 40 12.68 -41.00 25.87
C GLY A 40 14.17 -41.04 25.59
N VAL A 41 14.57 -41.92 24.67
CA VAL A 41 15.95 -42.04 24.12
C VAL A 41 15.95 -41.44 22.72
N CYS A 42 16.71 -40.34 22.57
CA CYS A 42 16.72 -39.61 21.29
C CYS A 42 18.08 -39.70 20.59
N HIS A 43 18.12 -39.35 19.31
CA HIS A 43 19.35 -39.36 18.49
C HIS A 43 20.30 -38.31 19.09
N THR A 44 19.76 -37.28 19.74
CA THR A 44 20.55 -36.24 20.44
C THR A 44 21.35 -36.92 21.56
N ASP A 45 20.71 -37.84 22.32
CA ASP A 45 21.33 -38.59 23.44
C ASP A 45 22.40 -39.52 22.86
N LEU A 46 22.08 -40.29 21.81
CA LEU A 46 23.06 -41.15 21.11
C LEU A 46 24.20 -40.29 20.56
N GLY A 47 23.92 -39.05 20.16
CA GLY A 47 24.94 -38.13 19.67
C GLY A 47 25.99 -37.87 20.73
N TYR A 48 25.56 -37.39 21.89
CA TYR A 48 26.40 -37.09 23.07
C TYR A 48 27.30 -38.30 23.40
N TYR A 49 26.73 -39.50 23.36
CA TYR A 49 27.34 -40.74 23.91
C TYR A 49 28.23 -41.43 22.86
N TYR A 50 27.76 -41.59 21.63
CA TYR A 50 28.44 -42.43 20.60
C TYR A 50 29.23 -41.57 19.61
N ASP A 51 28.93 -40.28 19.45
CA ASP A 51 29.58 -39.38 18.44
C ASP A 51 30.33 -38.23 19.15
N SER A 52 30.47 -38.30 20.47
CA SER A 52 31.30 -37.40 21.31
C SER A 52 30.91 -35.93 21.11
N VAL A 53 29.63 -35.63 20.99
CA VAL A 53 29.12 -34.22 20.92
C VAL A 53 29.24 -33.60 22.34
N ARG A 54 29.81 -32.41 22.45
CA ARG A 54 30.03 -31.74 23.76
C ARG A 54 28.66 -31.45 24.40
N THR A 55 28.49 -31.79 25.67
CA THR A 55 27.39 -31.31 26.55
C THR A 55 27.82 -29.99 27.17
N ASN A 56 26.88 -29.11 27.51
CA ASN A 56 27.15 -27.79 28.15
C ASN A 56 27.61 -28.02 29.58
N HIS A 57 26.98 -28.94 30.30
CA HIS A 57 27.38 -29.36 31.68
C HIS A 57 28.52 -30.35 31.55
N ALA A 58 29.55 -30.22 32.39
CA ALA A 58 30.74 -31.10 32.36
C ALA A 58 30.29 -32.48 32.81
N LEU A 59 31.05 -33.51 32.42
CA LEU A 59 30.78 -34.93 32.80
C LEU A 59 31.27 -35.14 34.23
N PRO A 60 30.71 -36.08 35.00
CA PRO A 60 29.66 -36.99 34.51
C PRO A 60 28.25 -36.37 34.49
N LEU A 61 27.42 -36.79 33.54
CA LEU A 61 26.06 -36.23 33.31
C LEU A 61 25.08 -37.34 32.93
N ALA A 62 23.94 -37.37 33.62
CA ALA A 62 22.72 -38.13 33.24
C ALA A 62 22.08 -37.43 32.04
N LEU A 63 21.99 -38.14 30.91
CA LEU A 63 21.33 -37.64 29.68
C LEU A 63 19.80 -37.77 29.86
N GLY A 64 19.03 -37.47 28.81
CA GLY A 64 17.57 -37.63 28.80
C GLY A 64 16.86 -36.30 29.01
N HIS A 65 16.16 -35.84 27.98
CA HIS A 65 15.42 -34.56 27.91
C HIS A 65 13.93 -34.80 27.59
N GLU A 66 13.54 -36.04 27.31
CA GLU A 66 12.17 -36.40 26.92
C GLU A 66 11.47 -36.99 28.16
N ILE A 67 11.09 -36.16 29.13
CA ILE A 67 10.72 -36.61 30.51
C ILE A 67 9.23 -36.37 30.80
N SER A 68 8.55 -37.41 31.26
CA SER A 68 7.28 -37.31 32.02
C SER A 68 7.47 -37.87 33.43
N GLY A 69 6.62 -37.46 34.35
CA GLY A 69 6.66 -37.91 35.74
C GLY A 69 5.72 -37.12 36.61
N ARG A 70 6.00 -37.10 37.92
CA ARG A 70 5.12 -36.51 38.94
C ARG A 70 5.93 -35.59 39.84
N VAL A 71 5.45 -34.37 40.07
CA VAL A 71 6.07 -33.45 41.06
C VAL A 71 5.83 -34.06 42.45
N VAL A 72 6.92 -34.38 43.16
CA VAL A 72 6.91 -35.04 44.50
C VAL A 72 7.44 -34.06 45.56
N GLN A 73 7.99 -32.92 45.12
CA GLN A 73 8.73 -31.97 45.99
C GLN A 73 8.75 -30.62 45.27
N ALA A 74 8.60 -29.53 46.00
CA ALA A 74 8.50 -28.16 45.43
C ALA A 74 9.14 -27.13 46.35
N GLY A 75 9.90 -26.19 45.77
CA GLY A 75 10.33 -24.95 46.42
C GLY A 75 9.12 -24.19 46.95
N ALA A 76 9.35 -23.04 47.60
CA ALA A 76 8.33 -22.30 48.38
C ALA A 76 7.25 -21.69 47.46
N ASN A 77 7.61 -21.28 46.24
CA ASN A 77 6.68 -20.61 45.28
C ASN A 77 6.18 -21.59 44.22
N ALA A 78 6.12 -22.90 44.52
CA ALA A 78 5.75 -23.95 43.53
C ALA A 78 4.87 -25.06 44.15
N ALA A 79 4.33 -24.83 45.35
CA ALA A 79 3.53 -25.81 46.13
C ALA A 79 2.38 -26.38 45.28
N GLN A 80 1.71 -25.50 44.53
CA GLN A 80 0.57 -25.85 43.63
C GLN A 80 0.90 -27.05 42.72
N TRP A 81 2.19 -27.35 42.48
CA TRP A 81 2.61 -28.41 41.51
C TRP A 81 2.67 -29.78 42.17
N LEU A 82 2.67 -29.88 43.51
CA LEU A 82 2.84 -31.15 44.25
C LEU A 82 1.74 -32.14 43.84
N GLY A 83 2.14 -33.32 43.37
CA GLY A 83 1.22 -34.42 43.03
C GLY A 83 0.75 -34.35 41.59
N ARG A 84 0.93 -33.20 40.92
CA ARG A 84 0.50 -33.03 39.50
C ARG A 84 1.44 -33.86 38.60
N ALA A 85 0.86 -34.66 37.71
CA ALA A 85 1.58 -35.39 36.63
C ALA A 85 1.97 -34.37 35.55
N VAL A 86 3.22 -34.39 35.10
CA VAL A 86 3.77 -33.34 34.20
C VAL A 86 4.55 -33.98 33.07
N ILE A 87 4.67 -33.23 31.98
CA ILE A 87 5.72 -33.36 30.95
C ILE A 87 6.67 -32.19 31.15
N VAL A 88 7.96 -32.48 31.22
CA VAL A 88 9.04 -31.47 31.35
C VAL A 88 9.40 -31.04 29.93
N PRO A 89 9.37 -29.73 29.64
CA PRO A 89 9.89 -29.20 28.38
C PRO A 89 11.36 -29.60 28.16
N ALA A 90 11.66 -30.15 26.99
CA ALA A 90 13.02 -30.56 26.60
C ALA A 90 13.98 -29.38 26.74
N VAL A 91 13.48 -28.15 26.52
CA VAL A 91 14.30 -26.91 26.56
C VAL A 91 13.45 -25.79 27.16
N MET A 92 13.94 -25.13 28.22
CA MET A 92 13.18 -24.12 29.01
C MET A 92 13.84 -22.74 28.90
N PRO A 93 13.26 -21.83 28.11
CA PRO A 93 13.71 -20.43 28.06
C PRO A 93 13.54 -19.70 29.39
N CYS A 94 14.24 -18.57 29.57
CA CYS A 94 14.18 -17.66 30.76
C CYS A 94 12.79 -17.22 31.10
N GLY A 95 12.05 -16.90 30.08
CA GLY A 95 10.73 -16.24 30.19
C GLY A 95 10.81 -14.76 30.56
N THR A 96 12.01 -14.18 30.74
CA THR A 96 12.17 -12.80 31.27
C THR A 96 13.00 -11.89 30.35
N CYS A 97 13.69 -12.47 29.36
CA CYS A 97 14.58 -11.68 28.47
C CYS A 97 13.82 -11.10 27.28
N GLU A 98 14.37 -10.05 26.66
CA GLU A 98 13.75 -9.38 25.48
C GLU A 98 13.39 -10.43 24.42
N LEU A 99 14.24 -11.43 24.18
CA LEU A 99 13.98 -12.51 23.19
C LEU A 99 12.76 -13.31 23.65
N CYS A 100 12.75 -13.81 24.90
CA CYS A 100 11.65 -14.67 25.44
C CYS A 100 10.35 -13.80 25.40
N THR A 101 10.42 -12.50 25.68
CA THR A 101 9.25 -11.61 25.91
C THR A 101 8.73 -11.05 24.57
N SER A 102 9.51 -11.18 23.49
CA SER A 102 9.12 -10.73 22.12
C SER A 102 8.73 -11.94 21.27
N GLY A 103 8.52 -13.11 21.88
CA GLY A 103 8.09 -14.34 21.19
C GLY A 103 9.24 -15.13 20.55
N HIS A 104 10.50 -14.81 20.86
CA HIS A 104 11.71 -15.51 20.35
C HIS A 104 12.34 -16.42 21.42
N GLY A 105 11.55 -17.01 22.32
CA GLY A 105 11.99 -18.01 23.31
C GLY A 105 12.90 -19.10 22.76
N THR A 106 12.72 -19.56 21.52
CA THR A 106 13.55 -20.65 20.96
C THR A 106 15.03 -20.23 20.89
N ILE A 107 15.32 -18.93 20.90
CA ILE A 107 16.73 -18.44 20.84
C ILE A 107 17.11 -17.69 22.11
N CYS A 108 16.41 -18.03 23.18
CA CYS A 108 16.89 -17.40 24.38
C CYS A 108 18.30 -17.83 24.59
N ARG A 109 19.09 -16.91 25.08
CA ARG A 109 20.49 -17.41 25.32
C ARG A 109 20.65 -18.17 26.63
N ASP A 110 19.74 -17.97 27.57
CA ASP A 110 19.71 -18.62 28.91
C ASP A 110 18.68 -19.74 28.97
N GLN A 111 18.57 -20.56 27.92
CA GLN A 111 17.62 -21.69 27.89
C GLN A 111 18.33 -22.89 28.53
N VAL A 112 17.60 -23.72 29.27
CA VAL A 112 18.19 -24.87 30.00
C VAL A 112 17.49 -26.15 29.52
N MET A 113 18.29 -27.10 29.08
CA MET A 113 17.86 -28.42 28.57
C MET A 113 18.32 -29.49 29.56
N PRO A 114 17.39 -30.24 30.19
CA PRO A 114 17.77 -31.40 30.97
C PRO A 114 18.64 -32.33 30.12
N GLY A 115 19.60 -33.02 30.74
CA GLY A 115 20.48 -33.98 30.05
C GLY A 115 21.36 -33.30 29.03
N ASN A 116 21.76 -32.06 29.33
CA ASN A 116 22.73 -31.26 28.54
C ASN A 116 23.27 -30.11 29.39
N ASP A 117 22.38 -29.20 29.80
CA ASP A 117 22.70 -28.04 30.69
C ASP A 117 22.62 -28.48 32.16
N ILE A 118 21.67 -29.35 32.49
CA ILE A 118 21.49 -29.84 33.89
C ILE A 118 21.34 -31.37 33.86
N GLN A 119 21.42 -32.02 35.01
CA GLN A 119 21.27 -33.48 35.13
C GLN A 119 19.92 -33.83 34.50
N GLY A 120 19.88 -34.94 33.75
CA GLY A 120 18.73 -35.35 32.91
C GLY A 120 17.84 -36.39 33.55
N GLY A 121 17.03 -37.04 32.73
CA GLY A 121 15.84 -37.81 33.16
C GLY A 121 16.05 -39.31 33.16
N PHE A 122 17.22 -39.80 32.70
CA PHE A 122 17.66 -41.19 32.94
C PHE A 122 18.01 -41.31 34.42
N ALA A 123 16.98 -41.32 35.25
CA ALA A 123 17.04 -41.18 36.72
C ALA A 123 15.66 -41.47 37.32
N SER A 124 15.63 -41.87 38.59
CA SER A 124 14.41 -41.96 39.42
C SER A 124 13.79 -40.57 39.53
N HIS A 125 14.64 -39.56 39.69
CA HIS A 125 14.25 -38.18 40.04
C HIS A 125 15.10 -37.21 39.23
N VAL A 126 14.54 -36.04 38.92
CA VAL A 126 15.26 -34.93 38.23
C VAL A 126 14.74 -33.60 38.80
N VAL A 127 15.65 -32.68 39.12
CA VAL A 127 15.33 -31.30 39.60
C VAL A 127 15.28 -30.39 38.38
N VAL A 128 14.16 -29.67 38.25
CA VAL A 128 13.89 -28.75 37.10
C VAL A 128 13.14 -27.54 37.61
N PRO A 129 13.17 -26.42 36.86
CA PRO A 129 12.26 -25.29 37.13
C PRO A 129 10.80 -25.72 36.97
N ALA A 130 9.88 -25.04 37.66
CA ALA A 130 8.42 -25.26 37.60
C ALA A 130 7.83 -24.48 36.41
N ARG A 131 8.55 -23.46 35.93
CA ARG A 131 8.14 -22.63 34.78
C ARG A 131 8.14 -23.53 33.53
N GLY A 132 6.98 -23.61 32.87
CA GLY A 132 6.82 -24.27 31.56
C GLY A 132 6.37 -25.71 31.71
N LEU A 133 6.27 -26.23 32.94
CA LEU A 133 5.79 -27.61 33.16
C LEU A 133 4.42 -27.73 32.52
N CYS A 134 4.22 -28.81 31.79
CA CYS A 134 2.96 -29.15 31.08
C CYS A 134 2.08 -30.08 31.92
N PRO A 135 0.93 -29.60 32.45
CA PRO A 135 0.08 -30.46 33.26
C PRO A 135 -0.51 -31.59 32.40
N VAL A 136 -0.61 -32.81 32.97
CA VAL A 136 -1.19 -34.01 32.29
C VAL A 136 -2.46 -34.41 33.02
N ASP A 137 -3.61 -34.36 32.32
CA ASP A 137 -4.93 -34.85 32.80
C ASP A 137 -4.87 -36.38 32.80
N GLU A 138 -4.84 -37.00 33.98
CA GLU A 138 -4.66 -38.47 34.15
C GLU A 138 -5.94 -39.23 33.76
N ALA A 139 -7.10 -38.65 34.06
CA ALA A 139 -8.43 -39.12 33.58
C ALA A 139 -8.40 -39.29 32.06
N ARG A 140 -7.99 -38.24 31.33
CA ARG A 140 -7.94 -38.25 29.84
C ARG A 140 -6.82 -39.17 29.36
N LEU A 141 -5.71 -39.20 30.09
CA LEU A 141 -4.54 -40.10 29.83
C LEU A 141 -5.03 -41.56 29.78
N ALA A 142 -5.74 -41.98 30.83
CA ALA A 142 -6.33 -43.32 30.98
C ALA A 142 -7.25 -43.60 29.79
N ALA A 143 -8.22 -42.70 29.54
CA ALA A 143 -9.22 -42.81 28.47
C ALA A 143 -8.56 -42.97 27.08
N ALA A 144 -7.33 -42.49 26.89
CA ALA A 144 -6.59 -42.65 25.60
C ALA A 144 -5.83 -43.98 25.60
N GLY A 145 -5.87 -44.71 26.73
CA GLY A 145 -5.26 -46.04 26.93
C GLY A 145 -3.75 -45.95 27.10
N LEU A 146 -3.30 -44.95 27.89
CA LEU A 146 -1.86 -44.57 28.00
C LEU A 146 -1.46 -44.51 29.47
N GLN A 147 -0.21 -44.91 29.75
CA GLN A 147 0.49 -44.64 31.03
C GLN A 147 1.20 -43.29 30.95
N LEU A 148 1.42 -42.66 32.10
CA LEU A 148 2.18 -41.39 32.22
C LEU A 148 3.53 -41.49 31.52
N ALA A 149 4.21 -42.63 31.59
CA ALA A 149 5.55 -42.84 31.00
C ALA A 149 5.50 -42.69 29.48
N ASP A 150 4.36 -43.01 28.85
CA ASP A 150 4.21 -43.04 27.37
C ASP A 150 4.34 -41.63 26.77
N VAL A 151 3.82 -40.60 27.46
CA VAL A 151 3.75 -39.20 26.94
C VAL A 151 5.09 -38.48 27.21
N SER A 152 6.08 -39.17 27.75
CA SER A 152 7.46 -38.64 27.92
C SER A 152 7.96 -38.10 26.56
N VAL A 153 7.75 -38.86 25.49
CA VAL A 153 8.26 -38.53 24.12
C VAL A 153 7.46 -37.39 23.48
N VAL A 154 6.38 -36.90 24.09
CA VAL A 154 5.70 -35.64 23.64
C VAL A 154 6.76 -34.55 23.58
N ALA A 155 7.62 -34.47 24.59
CA ALA A 155 8.79 -33.57 24.64
C ALA A 155 9.75 -33.90 23.49
N ASP A 156 10.16 -32.88 22.74
CA ASP A 156 11.03 -32.95 21.54
C ASP A 156 10.32 -33.70 20.40
N ALA A 157 10.14 -35.03 20.50
CA ALA A 157 9.72 -35.89 19.37
C ALA A 157 8.39 -35.40 18.75
N VAL A 158 7.42 -35.02 19.59
CA VAL A 158 6.11 -34.49 19.11
C VAL A 158 6.21 -32.97 18.97
N THR A 159 6.71 -32.27 20.00
CA THR A 159 6.67 -30.79 20.09
C THR A 159 7.49 -30.17 18.95
N THR A 160 8.61 -30.78 18.58
CA THR A 160 9.53 -30.21 17.57
C THR A 160 8.77 -30.11 16.24
N PRO A 161 8.27 -31.21 15.67
CA PRO A 161 7.44 -31.12 14.48
C PRO A 161 6.17 -30.27 14.70
N TYR A 162 5.62 -30.26 15.92
CA TYR A 162 4.41 -29.46 16.22
C TYR A 162 4.72 -27.98 15.96
N GLN A 163 5.87 -27.50 16.45
CA GLN A 163 6.29 -26.10 16.22
C GLN A 163 6.41 -25.89 14.71
N ALA A 164 7.02 -26.83 14.00
CA ALA A 164 7.30 -26.67 12.55
C ALA A 164 5.96 -26.48 11.81
N VAL A 165 4.94 -27.25 12.19
CA VAL A 165 3.62 -27.29 11.52
C VAL A 165 2.83 -26.01 11.87
N LEU A 166 2.84 -25.61 13.13
CA LEU A 166 2.15 -24.38 13.58
C LEU A 166 2.71 -23.17 12.81
N GLN A 167 4.04 -23.03 12.79
CA GLN A 167 4.80 -21.97 12.05
C GLN A 167 4.41 -21.96 10.57
N ALA A 168 4.22 -23.14 9.96
CA ALA A 168 4.04 -23.30 8.50
C ALA A 168 2.60 -22.91 8.13
N GLY A 169 1.70 -22.87 9.11
CA GLY A 169 0.31 -22.44 8.91
C GLY A 169 -0.45 -23.41 8.03
N VAL A 170 -0.27 -24.71 8.27
CA VAL A 170 -1.02 -25.79 7.59
C VAL A 170 -2.49 -25.51 7.86
N GLU A 171 -3.32 -25.63 6.81
CA GLU A 171 -4.79 -25.45 6.91
C GLU A 171 -5.47 -26.39 5.93
N PRO A 172 -6.77 -26.70 6.14
CA PRO A 172 -7.52 -27.58 5.23
C PRO A 172 -7.38 -27.16 3.76
N GLY A 173 -7.23 -28.14 2.89
CA GLY A 173 -7.07 -27.94 1.44
C GLY A 173 -5.60 -28.06 1.07
N ASP A 174 -4.70 -27.94 2.04
CA ASP A 174 -3.24 -28.01 1.81
C ASP A 174 -2.81 -29.42 1.39
N VAL A 175 -1.88 -29.47 0.43
CA VAL A 175 -0.92 -30.60 0.31
C VAL A 175 0.19 -30.33 1.32
N ALA A 176 0.53 -31.31 2.15
CA ALA A 176 1.77 -31.33 2.96
C ALA A 176 2.68 -32.44 2.43
N VAL A 177 3.97 -32.16 2.33
CA VAL A 177 4.99 -33.19 2.02
C VAL A 177 5.94 -33.25 3.21
N VAL A 178 6.14 -34.44 3.82
CA VAL A 178 7.23 -34.62 4.82
C VAL A 178 8.25 -35.59 4.24
N ILE A 179 9.50 -35.14 4.17
CA ILE A 179 10.67 -35.90 3.65
C ILE A 179 11.46 -36.41 4.85
N GLY A 180 11.62 -37.73 4.92
CA GLY A 180 12.19 -38.42 6.08
C GLY A 180 11.16 -38.52 7.16
N VAL A 181 10.61 -39.71 7.33
CA VAL A 181 9.31 -39.88 8.04
C VAL A 181 9.57 -40.84 9.21
N GLY A 182 10.80 -40.81 9.74
CA GLY A 182 11.17 -41.41 11.02
C GLY A 182 11.27 -40.35 12.11
N GLY A 183 10.98 -40.76 13.35
CA GLY A 183 11.25 -40.02 14.59
C GLY A 183 10.40 -38.78 14.69
N VAL A 184 11.00 -37.65 14.35
CA VAL A 184 10.36 -36.31 14.17
C VAL A 184 9.40 -36.36 12.98
N GLY A 185 9.88 -36.81 11.82
CA GLY A 185 9.10 -36.85 10.56
C GLY A 185 7.76 -37.55 10.70
N GLY A 186 7.72 -38.72 11.33
CA GLY A 186 6.48 -39.48 11.53
C GLY A 186 5.42 -38.65 12.22
N TYR A 187 5.78 -37.90 13.27
CA TYR A 187 4.82 -37.04 14.00
C TYR A 187 4.51 -35.79 13.14
N ALA A 188 5.45 -35.39 12.27
CA ALA A 188 5.22 -34.30 11.30
C ALA A 188 4.03 -34.72 10.41
N VAL A 189 4.07 -35.94 9.88
CA VAL A 189 2.96 -36.50 9.05
C VAL A 189 1.66 -36.48 9.86
N GLN A 190 1.69 -37.03 11.07
CA GLN A 190 0.48 -37.21 11.92
C GLN A 190 -0.12 -35.83 12.24
N ILE A 191 0.71 -34.82 12.49
CA ILE A 191 0.22 -33.49 12.97
C ILE A 191 -0.26 -32.69 11.76
N ALA A 192 0.49 -32.67 10.65
CA ALA A 192 0.04 -32.03 9.39
C ALA A 192 -1.36 -32.52 9.09
N ASN A 193 -1.53 -33.84 9.11
CA ASN A 193 -2.82 -34.52 8.81
C ASN A 193 -3.90 -34.04 9.79
N ALA A 194 -3.61 -33.99 11.08
CA ALA A 194 -4.56 -33.53 12.12
C ALA A 194 -4.95 -32.06 11.87
N PHE A 195 -4.10 -31.28 11.22
CA PHE A 195 -4.32 -29.84 10.93
C PHE A 195 -5.12 -29.69 9.63
N GLY A 196 -5.33 -30.78 8.87
CA GLY A 196 -6.26 -30.83 7.73
C GLY A 196 -5.61 -31.06 6.38
N ALA A 197 -4.28 -31.25 6.32
CA ALA A 197 -3.55 -31.40 5.04
C ALA A 197 -3.73 -32.84 4.55
N SER A 198 -3.63 -33.05 3.25
CA SER A 198 -3.42 -34.38 2.63
C SER A 198 -1.92 -34.58 2.59
N VAL A 199 -1.39 -35.54 3.34
CA VAL A 199 0.08 -35.63 3.58
C VAL A 199 0.68 -36.66 2.62
N VAL A 200 1.64 -36.22 1.82
CA VAL A 200 2.57 -37.13 1.07
C VAL A 200 3.76 -37.41 1.98
N ALA A 201 4.04 -38.68 2.27
CA ALA A 201 5.23 -39.16 3.03
C ALA A 201 6.30 -39.59 2.03
N ILE A 202 7.55 -39.17 2.24
CA ILE A 202 8.71 -39.58 1.39
C ILE A 202 9.81 -40.15 2.31
N ASP A 203 10.40 -41.29 1.94
CA ASP A 203 11.48 -41.94 2.72
C ASP A 203 12.26 -42.90 1.81
N VAL A 204 13.33 -43.47 2.35
CA VAL A 204 14.19 -44.50 1.69
C VAL A 204 13.86 -45.89 2.26
N ASP A 205 13.13 -45.95 3.38
CA ASP A 205 12.78 -47.20 4.13
C ASP A 205 11.30 -47.53 3.93
N PRO A 206 10.96 -48.54 3.08
CA PRO A 206 9.57 -48.84 2.77
C PRO A 206 8.72 -49.32 3.96
N ALA A 207 9.36 -49.69 5.08
CA ALA A 207 8.69 -50.13 6.33
C ALA A 207 8.05 -48.92 7.03
N LYS A 208 8.77 -47.80 7.08
CA LYS A 208 8.25 -46.56 7.71
C LYS A 208 7.17 -45.99 6.81
N LEU A 209 7.33 -46.10 5.48
CA LEU A 209 6.29 -45.68 4.51
C LEU A 209 5.02 -46.50 4.76
N GLU A 210 5.13 -47.84 4.72
CA GLU A 210 4.00 -48.78 5.02
C GLU A 210 3.34 -48.33 6.33
N MET A 211 4.13 -48.05 7.37
CA MET A 211 3.65 -47.71 8.74
C MET A 211 2.85 -46.40 8.70
N MET A 212 3.29 -45.40 7.95
CA MET A 212 2.67 -44.04 7.95
C MET A 212 1.37 -44.03 7.13
N SER A 213 1.23 -44.94 6.14
CA SER A 213 -0.02 -45.23 5.39
C SER A 213 -1.19 -45.36 6.37
N LYS A 214 -0.96 -45.99 7.52
CA LYS A 214 -2.01 -46.28 8.54
C LYS A 214 -2.16 -45.08 9.50
N HIS A 215 -1.32 -44.05 9.41
CA HIS A 215 -1.22 -42.99 10.46
C HIS A 215 -1.20 -41.56 9.89
N GLY A 216 -1.71 -41.34 8.67
CA GLY A 216 -2.06 -39.98 8.15
C GLY A 216 -1.41 -39.70 6.81
N ALA A 217 -0.59 -40.60 6.29
CA ALA A 217 0.05 -40.45 4.96
C ALA A 217 -0.93 -40.95 3.90
N ALA A 218 -1.62 -40.05 3.19
CA ALA A 218 -2.59 -40.36 2.13
C ALA A 218 -1.86 -40.82 0.85
N LEU A 219 -0.58 -40.53 0.71
CA LEU A 219 0.26 -41.02 -0.41
C LEU A 219 1.66 -41.28 0.16
N THR A 220 2.37 -42.29 -0.32
CA THR A 220 3.78 -42.59 0.06
C THR A 220 4.63 -42.74 -1.21
N LEU A 221 5.88 -42.31 -1.16
CA LEU A 221 6.84 -42.40 -2.29
C LEU A 221 8.22 -42.77 -1.74
N ASN A 222 8.84 -43.80 -2.31
CA ASN A 222 10.22 -44.20 -1.97
C ASN A 222 11.17 -43.32 -2.77
N ALA A 223 12.08 -42.60 -2.09
CA ALA A 223 12.95 -41.60 -2.72
C ALA A 223 14.05 -42.31 -3.53
N ARG A 224 14.32 -43.60 -3.27
CA ARG A 224 15.26 -44.42 -4.08
C ARG A 224 14.64 -44.78 -5.44
N GLU A 225 13.32 -44.99 -5.49
CA GLU A 225 12.58 -45.44 -6.70
C GLU A 225 12.18 -44.23 -7.57
N ILE A 226 11.57 -43.19 -6.98
CA ILE A 226 11.04 -42.01 -7.74
C ILE A 226 12.06 -40.87 -7.63
N SER A 227 12.51 -40.34 -8.78
CA SER A 227 13.50 -39.23 -8.90
C SER A 227 12.82 -37.86 -8.71
N GLY A 228 13.59 -36.78 -8.80
CA GLY A 228 13.14 -35.38 -8.60
C GLY A 228 12.03 -34.96 -9.57
N ARG A 229 12.33 -34.91 -10.87
CA ARG A 229 11.36 -34.55 -11.95
C ARG A 229 10.02 -35.28 -11.71
N ASP A 230 10.05 -36.61 -11.60
CA ASP A 230 8.85 -37.48 -11.49
C ASP A 230 8.13 -37.20 -10.16
N LEU A 231 8.89 -36.88 -9.11
CA LEU A 231 8.40 -36.69 -7.72
C LEU A 231 7.42 -35.51 -7.67
N LYS A 232 7.77 -34.41 -8.34
CA LYS A 232 6.92 -33.21 -8.52
C LYS A 232 5.64 -33.63 -9.26
N LYS A 233 5.78 -34.25 -10.43
CA LYS A 233 4.64 -34.70 -11.28
C LYS A 233 3.69 -35.54 -10.41
N ALA A 234 4.21 -36.49 -9.64
CA ALA A 234 3.42 -37.44 -8.82
C ALA A 234 2.64 -36.72 -7.71
N ILE A 235 3.18 -35.63 -7.14
CA ILE A 235 2.46 -34.86 -6.08
C ILE A 235 1.46 -33.93 -6.76
N GLU A 236 1.82 -33.32 -7.89
CA GLU A 236 0.88 -32.55 -8.77
C GLU A 236 -0.32 -33.45 -9.10
N ALA A 237 -0.05 -34.70 -9.50
CA ALA A 237 -1.06 -35.74 -9.81
C ALA A 237 -1.96 -35.97 -8.60
N HIS A 238 -1.37 -36.20 -7.43
CA HIS A 238 -2.12 -36.44 -6.17
C HIS A 238 -3.06 -35.25 -5.92
N ALA A 239 -2.58 -34.02 -6.12
CA ALA A 239 -3.30 -32.77 -5.82
C ALA A 239 -4.50 -32.62 -6.76
N LYS A 240 -4.25 -32.80 -8.08
CA LYS A 240 -5.24 -32.68 -9.17
C LYS A 240 -6.36 -33.69 -8.93
N ALA A 241 -5.99 -34.95 -8.73
CA ALA A 241 -6.88 -36.11 -8.53
C ALA A 241 -7.73 -35.99 -7.25
N ASN A 242 -7.34 -35.16 -6.27
CA ASN A 242 -8.06 -35.06 -4.97
C ASN A 242 -8.63 -33.66 -4.75
N GLY A 243 -8.54 -32.77 -5.75
CA GLY A 243 -9.05 -31.39 -5.67
C GLY A 243 -8.34 -30.62 -4.58
N LEU A 244 -7.02 -30.77 -4.50
CA LEU A 244 -6.16 -30.12 -3.48
C LEU A 244 -5.44 -28.94 -4.12
N ARG A 245 -4.94 -28.03 -3.28
CA ARG A 245 -4.23 -26.80 -3.68
C ARG A 245 -3.02 -27.15 -4.56
N LEU A 246 -2.81 -26.42 -5.63
CA LEU A 246 -1.58 -26.61 -6.44
C LEU A 246 -0.65 -25.48 -6.00
N THR A 247 -1.02 -24.81 -4.92
CA THR A 247 -0.21 -23.70 -4.37
C THR A 247 -0.16 -23.78 -2.85
N ARG A 248 0.84 -23.16 -2.22
CA ARG A 248 0.90 -23.03 -0.74
C ARG A 248 1.25 -24.36 -0.07
N TRP A 249 1.92 -25.26 -0.82
CA TRP A 249 2.37 -26.58 -0.32
C TRP A 249 3.19 -26.37 0.96
N LYS A 250 2.90 -27.14 2.01
CA LYS A 250 3.69 -27.15 3.28
C LYS A 250 4.64 -28.36 3.24
N ILE A 251 5.92 -28.10 2.91
CA ILE A 251 6.98 -29.13 2.76
C ILE A 251 7.86 -29.14 4.02
N PHE A 252 7.90 -30.26 4.76
CA PHE A 252 8.72 -30.43 5.98
C PHE A 252 9.90 -31.36 5.67
N GLU A 253 11.12 -30.82 5.69
CA GLU A 253 12.39 -31.60 5.56
C GLU A 253 12.78 -32.12 6.95
N CYS A 254 12.57 -33.42 7.19
CA CYS A 254 12.76 -34.06 8.51
C CYS A 254 13.79 -35.20 8.43
N SER A 255 14.57 -35.27 7.35
CA SER A 255 15.60 -36.32 7.13
C SER A 255 16.91 -35.93 7.84
N GLY A 256 17.31 -34.66 7.75
CA GLY A 256 18.61 -34.19 8.26
C GLY A 256 19.73 -34.68 7.38
N THR A 257 19.47 -34.73 6.07
CA THR A 257 20.42 -35.18 5.02
C THR A 257 20.31 -34.22 3.82
N GLY A 258 21.43 -33.94 3.16
CA GLY A 258 21.49 -33.05 1.98
C GLY A 258 20.56 -33.52 0.89
N ALA A 259 20.43 -34.83 0.71
CA ALA A 259 19.55 -35.43 -0.33
C ALA A 259 18.12 -34.97 -0.06
N GLY A 260 17.64 -35.19 1.17
CA GLY A 260 16.31 -34.76 1.63
C GLY A 260 16.08 -33.28 1.38
N GLN A 261 17.05 -32.44 1.76
CA GLN A 261 16.97 -30.96 1.63
C GLN A 261 16.82 -30.60 0.16
N THR A 262 17.69 -31.15 -0.70
CA THR A 262 17.69 -30.90 -2.17
C THR A 262 16.33 -31.28 -2.74
N SER A 263 15.80 -32.42 -2.30
CA SER A 263 14.51 -32.98 -2.77
C SER A 263 13.38 -32.02 -2.40
N ALA A 264 13.31 -31.63 -1.11
CA ALA A 264 12.29 -30.74 -0.51
C ALA A 264 12.31 -29.38 -1.21
N TYR A 265 13.49 -28.79 -1.37
CA TYR A 265 13.64 -27.46 -2.01
C TYR A 265 13.10 -27.53 -3.44
N GLY A 266 13.30 -28.65 -4.13
CA GLY A 266 12.85 -28.90 -5.51
C GLY A 266 11.34 -28.91 -5.61
N LEU A 267 10.64 -29.14 -4.50
CA LEU A 267 9.17 -29.26 -4.44
C LEU A 267 8.52 -27.89 -4.20
N LEU A 268 9.29 -26.81 -4.04
CA LEU A 268 8.74 -25.46 -3.84
C LEU A 268 7.81 -25.11 -5.01
N THR A 269 6.71 -24.45 -4.70
CA THR A 269 5.77 -23.89 -5.70
C THR A 269 5.22 -22.57 -5.18
N HIS A 270 4.40 -21.90 -5.99
CA HIS A 270 3.79 -20.58 -5.67
C HIS A 270 3.21 -20.63 -4.26
N GLY A 271 3.72 -19.77 -3.36
CA GLY A 271 3.19 -19.59 -2.00
C GLY A 271 3.61 -20.70 -1.03
N ALA A 272 4.54 -21.57 -1.42
CA ALA A 272 4.96 -22.75 -0.63
C ALA A 272 5.73 -22.29 0.60
N THR A 273 5.66 -23.06 1.69
CA THR A 273 6.50 -22.94 2.92
C THR A 273 7.41 -24.16 2.99
N LEU A 274 8.73 -23.98 3.01
CA LEU A 274 9.68 -25.08 3.29
C LEU A 274 10.09 -24.99 4.75
N ALA A 275 9.65 -25.94 5.58
CA ALA A 275 10.00 -26.03 7.01
C ALA A 275 11.29 -26.86 7.13
N VAL A 276 12.40 -26.22 7.48
CA VAL A 276 13.75 -26.86 7.71
C VAL A 276 13.83 -27.33 9.16
N VAL A 277 13.65 -28.63 9.40
CA VAL A 277 13.58 -29.22 10.77
C VAL A 277 14.85 -30.05 11.03
N GLY A 278 15.23 -30.85 10.04
CA GLY A 278 16.46 -31.67 10.05
C GLY A 278 17.70 -30.82 10.01
N PHE A 279 18.76 -31.24 10.71
CA PHE A 279 20.11 -30.62 10.70
C PHE A 279 21.11 -31.55 10.00
N THR A 280 21.83 -31.02 9.02
CA THR A 280 23.07 -31.62 8.45
C THR A 280 24.12 -30.52 8.35
N MET A 281 25.40 -30.90 8.38
CA MET A 281 26.54 -29.98 8.13
C MET A 281 26.75 -29.87 6.62
N ASP A 282 26.24 -30.82 5.84
CA ASP A 282 26.34 -30.83 4.35
C ASP A 282 25.82 -29.51 3.78
N LYS A 283 26.55 -28.91 2.83
CA LYS A 283 26.07 -27.79 2.00
C LYS A 283 25.24 -28.42 0.86
N VAL A 284 24.33 -27.65 0.25
CA VAL A 284 23.45 -28.08 -0.88
C VAL A 284 23.37 -26.94 -1.91
N GLU A 285 23.28 -27.30 -3.20
CA GLU A 285 23.21 -26.34 -4.33
C GLU A 285 21.72 -26.11 -4.62
N VAL A 286 21.24 -24.87 -4.51
CA VAL A 286 19.79 -24.52 -4.74
C VAL A 286 19.67 -23.19 -5.47
N ARG A 287 18.63 -23.04 -6.28
CA ARG A 287 18.25 -21.74 -6.90
C ARG A 287 17.50 -20.94 -5.82
N LEU A 288 18.24 -20.15 -5.05
CA LEU A 288 17.71 -19.37 -3.89
C LEU A 288 16.60 -18.43 -4.39
N SER A 289 16.70 -17.95 -5.63
CA SER A 289 15.76 -16.93 -6.18
C SER A 289 14.38 -17.55 -6.41
N ASN A 290 14.29 -18.88 -6.49
CA ASN A 290 12.97 -19.57 -6.57
C ASN A 290 12.06 -19.04 -5.44
N LEU A 291 12.63 -18.72 -4.28
CA LEU A 291 11.89 -18.12 -3.14
C LEU A 291 11.18 -16.85 -3.61
N MET A 292 11.87 -15.96 -4.34
CA MET A 292 11.25 -14.72 -4.85
C MET A 292 10.26 -15.08 -5.98
N ALA A 293 10.62 -15.99 -6.88
CA ALA A 293 9.84 -16.32 -8.10
C ALA A 293 8.47 -16.91 -7.69
N PHE A 294 8.45 -17.73 -6.64
CA PHE A 294 7.23 -18.40 -6.15
C PHE A 294 6.59 -17.59 -5.01
N HIS A 295 7.16 -16.47 -4.57
CA HIS A 295 6.79 -15.78 -3.31
C HIS A 295 6.63 -16.85 -2.21
N ALA A 296 7.66 -17.68 -2.05
CA ALA A 296 7.74 -18.79 -1.09
C ALA A 296 8.67 -18.40 0.05
N ARG A 297 8.68 -19.21 1.12
CA ARG A 297 9.47 -18.96 2.33
C ARG A 297 10.05 -20.27 2.86
N ALA A 298 11.29 -20.20 3.39
CA ALA A 298 11.96 -21.29 4.12
C ALA A 298 12.02 -20.90 5.61
N LEU A 299 11.41 -21.71 6.48
CA LEU A 299 11.33 -21.49 7.94
C LEU A 299 12.14 -22.57 8.69
N GLY A 300 13.23 -22.16 9.31
CA GLY A 300 13.92 -22.94 10.34
C GLY A 300 13.08 -23.04 11.59
N ASN A 301 13.41 -24.03 12.40
CA ASN A 301 12.68 -24.39 13.65
C ASN A 301 13.69 -25.00 14.63
N TRP A 302 14.00 -24.31 15.73
CA TRP A 302 14.84 -24.84 16.85
C TRP A 302 13.92 -25.27 18.00
N GLY A 303 13.66 -26.58 18.14
CA GLY A 303 12.73 -27.13 19.14
C GLY A 303 11.42 -26.38 19.21
N CYS A 304 10.88 -26.15 20.41
CA CYS A 304 9.48 -25.71 20.58
C CYS A 304 9.30 -24.95 21.90
N LEU A 305 8.62 -23.81 21.83
CA LEU A 305 8.20 -23.04 23.02
C LEU A 305 7.41 -23.97 23.93
N PRO A 306 7.69 -23.98 25.24
CA PRO A 306 6.92 -24.79 26.18
C PRO A 306 5.41 -24.53 26.09
N GLU A 307 5.04 -23.30 25.81
CA GLU A 307 3.65 -22.81 25.86
C GLU A 307 2.79 -23.63 24.89
N TYR A 308 3.39 -24.36 23.93
CA TYR A 308 2.68 -25.20 22.94
C TYR A 308 2.61 -26.67 23.36
N TYR A 309 3.21 -27.07 24.49
CA TYR A 309 3.23 -28.47 24.96
C TYR A 309 1.81 -28.96 25.23
N PRO A 310 0.95 -28.21 25.97
CA PRO A 310 -0.45 -28.61 26.16
C PRO A 310 -1.22 -29.00 24.89
N ALA A 311 -1.08 -28.21 23.82
CA ALA A 311 -1.75 -28.46 22.53
C ALA A 311 -1.23 -29.76 21.90
N ALA A 312 0.07 -29.99 21.94
CA ALA A 312 0.72 -31.20 21.41
C ALA A 312 0.17 -32.42 22.15
N LEU A 313 0.14 -32.33 23.49
CA LEU A 313 -0.41 -33.37 24.38
C LEU A 313 -1.90 -33.61 24.04
N ASP A 314 -2.68 -32.54 23.87
CA ASP A 314 -4.14 -32.64 23.55
C ASP A 314 -4.31 -33.46 22.28
N LEU A 315 -3.38 -33.38 21.32
CA LEU A 315 -3.47 -34.19 20.07
C LEU A 315 -3.42 -35.68 20.43
N VAL A 316 -2.63 -36.04 21.45
CA VAL A 316 -2.38 -37.44 21.88
C VAL A 316 -3.57 -37.92 22.70
N LEU A 317 -3.97 -37.13 23.69
CA LEU A 317 -5.11 -37.42 24.60
C LEU A 317 -6.41 -37.55 23.81
N ASP A 318 -6.59 -36.78 22.74
CA ASP A 318 -7.83 -36.77 21.92
C ASP A 318 -7.66 -37.74 20.75
N LYS A 319 -6.61 -38.56 20.76
CA LYS A 319 -6.40 -39.68 19.80
C LYS A 319 -6.33 -39.13 18.36
N LYS A 320 -6.10 -37.82 18.17
CA LYS A 320 -5.95 -37.20 16.83
C LYS A 320 -4.57 -37.61 16.26
N ILE A 321 -3.61 -38.00 17.11
CA ILE A 321 -2.37 -38.74 16.71
C ILE A 321 -2.14 -39.93 17.65
N ASP A 322 -1.24 -40.82 17.27
CA ASP A 322 -0.91 -42.11 17.94
C ASP A 322 0.55 -42.05 18.43
N LEU A 323 0.75 -42.19 19.75
CA LEU A 323 2.07 -42.49 20.35
C LEU A 323 2.31 -44.00 20.31
N ALA A 324 1.36 -44.75 20.91
CA ALA A 324 1.46 -46.17 21.32
C ALA A 324 2.12 -47.04 20.24
N SER A 325 1.84 -46.82 18.96
CA SER A 325 2.36 -47.67 17.86
C SER A 325 3.84 -47.37 17.57
N PHE A 326 4.40 -46.33 18.20
CA PHE A 326 5.76 -45.78 17.91
C PHE A 326 6.63 -45.74 19.18
N ILE A 327 6.18 -46.38 20.27
CA ILE A 327 6.66 -46.21 21.68
C ILE A 327 6.86 -47.61 22.29
N GLU A 328 8.01 -47.86 22.94
CA GLU A 328 8.30 -49.10 23.71
C GLU A 328 8.97 -48.74 25.06
N ARG A 329 8.29 -49.00 26.16
CA ARG A 329 8.84 -48.88 27.53
C ARG A 329 9.93 -49.96 27.74
N HIS A 330 11.02 -49.59 28.40
CA HIS A 330 12.10 -50.49 28.89
C HIS A 330 12.46 -50.10 30.32
N PRO A 331 13.00 -51.03 31.14
CA PRO A 331 13.42 -50.68 32.50
C PRO A 331 14.69 -49.82 32.41
N LEU A 332 14.74 -48.72 33.18
CA LEU A 332 15.88 -47.76 33.16
C LEU A 332 17.21 -48.53 33.32
N ASP A 333 17.25 -49.60 34.13
CA ASP A 333 18.49 -50.38 34.40
C ASP A 333 19.02 -51.02 33.11
N GLN A 334 18.23 -51.01 32.01
CA GLN A 334 18.65 -51.55 30.70
C GLN A 334 19.26 -50.45 29.82
N ILE A 335 19.47 -49.25 30.37
CA ILE A 335 19.95 -48.06 29.60
C ILE A 335 21.12 -48.47 28.69
N GLY A 336 22.02 -49.33 29.16
CA GLY A 336 23.17 -49.80 28.37
C GLY A 336 22.75 -50.57 27.14
N GLU A 337 21.93 -51.62 27.31
CA GLU A 337 21.49 -52.53 26.23
C GLU A 337 20.67 -51.75 25.18
N VAL A 338 19.84 -50.80 25.63
CA VAL A 338 18.93 -49.97 24.78
C VAL A 338 19.76 -49.03 23.91
N PHE A 339 20.72 -48.29 24.48
CA PHE A 339 21.60 -47.37 23.72
C PHE A 339 22.27 -48.14 22.58
N ALA A 340 22.86 -49.29 22.91
CA ALA A 340 23.56 -50.21 21.99
C ALA A 340 22.60 -50.62 20.87
N ALA A 341 21.39 -51.08 21.24
CA ALA A 341 20.34 -51.54 20.31
C ALA A 341 19.94 -50.41 19.35
N ALA A 342 19.87 -49.17 19.84
CA ALA A 342 19.42 -47.98 19.08
C ALA A 342 20.53 -47.48 18.16
N HIS A 343 21.79 -47.55 18.58
CA HIS A 343 22.98 -47.24 17.74
C HIS A 343 23.02 -48.19 16.53
N ALA A 344 22.78 -49.49 16.77
CA ALA A 344 22.83 -50.59 15.78
C ALA A 344 21.53 -50.67 14.96
N HIS A 345 20.69 -49.63 15.02
CA HIS A 345 19.40 -49.48 14.29
C HIS A 345 18.52 -50.71 14.48
N LYS A 346 18.65 -51.42 15.60
CA LYS A 346 17.95 -52.70 15.89
C LYS A 346 16.57 -52.41 16.52
N LEU A 347 16.20 -51.14 16.72
CA LEU A 347 14.89 -50.74 17.32
C LEU A 347 14.00 -50.12 16.25
N THR A 348 12.69 -50.38 16.34
CA THR A 348 11.65 -49.90 15.39
C THR A 348 10.77 -48.86 16.08
N ARG A 349 10.52 -49.02 17.37
CA ARG A 349 9.76 -48.04 18.20
C ARG A 349 10.76 -47.19 18.96
N ARG A 350 10.33 -46.00 19.40
CA ARG A 350 11.14 -45.06 20.20
C ARG A 350 11.19 -45.63 21.63
N ALA A 351 12.39 -45.73 22.20
CA ALA A 351 12.64 -46.29 23.54
C ALA A 351 12.25 -45.27 24.62
N ILE A 352 11.50 -45.69 25.62
CA ILE A 352 11.26 -44.93 26.88
C ILE A 352 11.87 -45.73 28.02
N LEU A 353 12.71 -45.13 28.87
CA LEU A 353 13.29 -45.81 30.07
C LEU A 353 12.48 -45.42 31.32
N THR A 354 12.20 -46.37 32.22
CA THR A 354 11.24 -46.24 33.36
C THR A 354 11.96 -46.27 34.72
N SER B 3 -2.49 16.13 -30.32
CA SER B 3 -3.93 15.97 -29.95
C SER B 3 -4.41 14.52 -30.16
N ASN B 4 -3.59 13.58 -30.65
CA ASN B 4 -3.90 12.13 -30.72
C ASN B 4 -3.05 11.40 -29.69
N PRO B 5 -3.62 10.43 -28.94
CA PRO B 5 -2.82 9.59 -28.05
C PRO B 5 -1.82 8.77 -28.87
N HIS B 6 -0.59 8.63 -28.36
CA HIS B 6 0.50 7.86 -29.01
C HIS B 6 1.25 7.02 -27.98
N ARG B 7 1.93 5.97 -28.46
CA ARG B 7 2.88 5.15 -27.66
C ARG B 7 4.19 4.99 -28.42
N TRP B 8 5.25 4.64 -27.70
CA TRP B 8 6.54 4.20 -28.28
C TRP B 8 6.67 2.70 -28.03
N MET B 9 6.60 1.92 -29.11
CA MET B 9 6.42 0.46 -29.05
C MET B 9 7.74 -0.23 -29.42
N MET B 10 8.07 -1.31 -28.72
CA MET B 10 9.11 -2.27 -29.13
C MET B 10 8.47 -3.19 -30.18
N THR B 11 8.90 -3.09 -31.44
CA THR B 11 8.48 -4.01 -32.54
C THR B 11 9.30 -5.30 -32.47
N SER B 12 10.57 -5.16 -32.08
CA SER B 12 11.55 -6.27 -32.05
C SER B 12 12.71 -5.90 -31.13
N PRO B 13 13.26 -6.86 -30.37
CA PRO B 13 14.47 -6.61 -29.57
C PRO B 13 15.59 -5.95 -30.40
N GLY B 14 16.08 -4.79 -29.94
CA GLY B 14 17.23 -4.07 -30.52
C GLY B 14 16.84 -3.12 -31.65
N ALA B 15 15.68 -3.35 -32.27
CA ALA B 15 15.11 -2.52 -33.36
C ALA B 15 14.66 -1.18 -32.78
N PRO B 16 14.58 -0.11 -33.60
CA PRO B 16 14.12 1.19 -33.14
C PRO B 16 12.70 1.14 -32.55
N MET B 17 12.46 1.96 -31.53
CA MET B 17 11.10 2.17 -30.99
C MET B 17 10.30 2.93 -32.04
N VAL B 18 9.02 2.61 -32.18
CA VAL B 18 8.13 3.20 -33.22
C VAL B 18 7.08 4.06 -32.52
N ARG B 19 6.96 5.32 -32.95
CA ARG B 19 5.90 6.24 -32.50
C ARG B 19 4.61 5.84 -33.22
N ALA B 20 3.64 5.29 -32.50
CA ALA B 20 2.35 4.82 -33.07
C ALA B 20 1.20 5.52 -32.36
N GLU B 21 0.45 6.35 -33.08
CA GLU B 21 -0.79 6.98 -32.57
C GLU B 21 -1.85 5.88 -32.55
N PHE B 22 -2.91 6.09 -31.77
CA PHE B 22 -3.99 5.09 -31.58
C PHE B 22 -5.27 5.79 -31.14
N GLU B 23 -6.39 5.09 -31.24
CA GLU B 23 -7.69 5.55 -30.71
C GLU B 23 -8.01 4.65 -29.52
N ILE B 24 -8.45 5.26 -28.43
CA ILE B 24 -9.02 4.55 -27.24
C ILE B 24 -10.45 4.19 -27.58
N GLY B 25 -10.77 2.91 -27.44
CA GLY B 25 -12.07 2.35 -27.86
C GLY B 25 -13.10 2.48 -26.77
N GLU B 26 -14.08 1.55 -26.78
CA GLU B 26 -15.00 1.26 -25.65
C GLU B 26 -14.13 0.79 -24.48
N LEU B 27 -14.41 1.27 -23.27
CA LEU B 27 -13.78 0.74 -22.03
C LEU B 27 -14.72 -0.29 -21.39
N SER B 28 -14.18 -1.44 -20.98
CA SER B 28 -14.90 -2.40 -20.11
C SER B 28 -15.13 -1.74 -18.74
N ALA B 29 -15.98 -2.32 -17.90
CA ALA B 29 -16.57 -1.65 -16.73
C ALA B 29 -15.50 -1.27 -15.69
N ASP B 30 -14.39 -2.03 -15.61
CA ASP B 30 -13.36 -1.87 -14.54
C ASP B 30 -12.10 -1.20 -15.10
N GLN B 31 -12.17 -0.58 -16.27
CA GLN B 31 -11.01 -0.03 -16.99
C GLN B 31 -11.00 1.50 -16.90
N VAL B 32 -9.81 2.10 -16.92
CA VAL B 32 -9.65 3.57 -17.00
C VAL B 32 -8.48 3.86 -17.92
N VAL B 33 -8.47 5.06 -18.48
CA VAL B 33 -7.33 5.63 -19.25
C VAL B 33 -6.61 6.57 -18.29
N VAL B 34 -5.32 6.37 -18.09
CA VAL B 34 -4.52 7.37 -17.34
C VAL B 34 -3.66 8.11 -18.36
N ALA B 35 -3.76 9.43 -18.33
CA ALA B 35 -2.85 10.35 -19.03
C ALA B 35 -1.52 10.33 -18.28
N VAL B 36 -0.52 9.67 -18.85
CA VAL B 36 0.81 9.47 -18.21
C VAL B 36 1.39 10.85 -17.90
N ALA B 37 1.83 11.05 -16.65
CA ALA B 37 2.69 12.18 -16.20
C ALA B 37 4.15 11.77 -16.40
N GLY B 38 4.49 10.58 -15.93
CA GLY B 38 5.83 9.97 -16.09
C GLY B 38 5.76 8.45 -16.05
N CYS B 39 6.80 7.80 -16.58
CA CYS B 39 6.99 6.33 -16.50
C CYS B 39 8.48 6.00 -16.32
N GLY B 40 8.81 5.25 -15.28
CA GLY B 40 10.17 4.84 -14.94
C GLY B 40 10.75 3.87 -15.95
N VAL B 41 12.08 3.89 -16.09
CA VAL B 41 12.86 2.95 -16.93
C VAL B 41 13.58 1.94 -16.04
N CYS B 42 13.24 0.67 -16.17
CA CYS B 42 13.60 -0.42 -15.24
C CYS B 42 14.56 -1.40 -15.93
N HIS B 43 15.35 -2.17 -15.17
CA HIS B 43 16.21 -3.25 -15.71
C HIS B 43 15.30 -4.32 -16.32
N THR B 44 14.06 -4.43 -15.85
CA THR B 44 13.05 -5.34 -16.44
C THR B 44 12.79 -4.92 -17.89
N ASP B 45 12.64 -3.61 -18.13
CA ASP B 45 12.39 -3.01 -19.47
C ASP B 45 13.63 -3.25 -20.34
N LEU B 46 14.82 -2.94 -19.83
CA LEU B 46 16.10 -3.21 -20.54
C LEU B 46 16.22 -4.71 -20.83
N GLY B 47 15.71 -5.56 -19.94
CA GLY B 47 15.71 -7.02 -20.14
C GLY B 47 14.96 -7.40 -21.41
N TYR B 48 13.69 -7.00 -21.49
CA TYR B 48 12.79 -7.25 -22.63
C TYR B 48 13.45 -6.80 -23.94
N TYR B 49 14.12 -5.64 -23.93
CA TYR B 49 14.56 -4.93 -25.15
C TYR B 49 15.96 -5.39 -25.58
N TYR B 50 16.90 -5.48 -24.64
CA TYR B 50 18.33 -5.70 -24.95
C TYR B 50 18.74 -7.17 -24.77
N ASP B 51 18.00 -7.95 -23.96
CA ASP B 51 18.37 -9.36 -23.63
C ASP B 51 17.28 -10.33 -24.13
N SER B 52 16.34 -9.84 -24.94
CA SER B 52 15.31 -10.64 -25.66
C SER B 52 14.49 -11.53 -24.70
N VAL B 53 14.14 -11.02 -23.52
CA VAL B 53 13.23 -11.72 -22.56
C VAL B 53 11.81 -11.65 -23.12
N ARG B 54 11.10 -12.78 -23.18
CA ARG B 54 9.74 -12.85 -23.77
C ARG B 54 8.80 -11.97 -22.92
N THR B 55 8.02 -11.11 -23.58
CA THR B 55 6.83 -10.44 -23.02
C THR B 55 5.63 -11.39 -23.18
N ASN B 56 4.65 -11.31 -22.28
CA ASN B 56 3.41 -12.14 -22.33
C ASN B 56 2.54 -11.69 -23.51
N HIS B 57 2.44 -10.39 -23.74
CA HIS B 57 1.75 -9.80 -24.92
C HIS B 57 2.69 -9.86 -26.11
N ALA B 58 2.21 -10.24 -27.29
CA ALA B 58 3.01 -10.35 -28.51
C ALA B 58 3.39 -8.93 -28.93
N LEU B 59 4.48 -8.81 -29.69
CA LEU B 59 4.99 -7.51 -30.21
C LEU B 59 4.13 -7.09 -31.41
N PRO B 60 4.01 -5.78 -31.73
CA PRO B 60 4.68 -4.71 -31.01
C PRO B 60 4.01 -4.32 -29.67
N LEU B 61 4.83 -3.87 -28.71
CA LEU B 61 4.41 -3.56 -27.33
C LEU B 61 5.16 -2.33 -26.81
N ALA B 62 4.41 -1.36 -26.30
CA ALA B 62 4.91 -0.25 -25.46
C ALA B 62 5.29 -0.83 -24.09
N LEU B 63 6.57 -0.73 -23.71
CA LEU B 63 7.08 -1.15 -22.38
C LEU B 63 6.71 -0.07 -21.34
N GLY B 64 7.16 -0.24 -20.10
CA GLY B 64 6.95 0.74 -19.02
C GLY B 64 5.84 0.31 -18.07
N HIS B 65 6.20 0.04 -16.80
CA HIS B 65 5.30 -0.44 -15.72
C HIS B 65 5.39 0.47 -14.49
N GLU B 66 6.28 1.45 -14.50
CA GLU B 66 6.49 2.38 -13.35
C GLU B 66 5.75 3.69 -13.65
N ILE B 67 4.41 3.70 -13.52
CA ILE B 67 3.53 4.76 -14.11
C ILE B 67 2.85 5.61 -13.04
N SER B 68 2.96 6.93 -13.19
CA SER B 68 2.03 7.92 -12.58
C SER B 68 1.34 8.71 -13.68
N GLY B 69 0.18 9.28 -13.35
CA GLY B 69 -0.60 10.13 -14.25
C GLY B 69 -1.97 10.43 -13.68
N ARG B 70 -2.93 10.75 -14.55
CA ARG B 70 -4.29 11.19 -14.16
C ARG B 70 -5.34 10.39 -14.93
N VAL B 71 -6.34 9.87 -14.22
CA VAL B 71 -7.51 9.21 -14.86
C VAL B 71 -8.30 10.29 -15.60
N VAL B 72 -8.41 10.14 -16.93
CA VAL B 72 -9.09 11.12 -17.84
C VAL B 72 -10.36 10.48 -18.42
N GLN B 73 -10.54 9.16 -18.24
CA GLN B 73 -11.61 8.38 -18.90
C GLN B 73 -11.82 7.10 -18.08
N ALA B 74 -13.07 6.63 -17.95
CA ALA B 74 -13.42 5.48 -17.09
C ALA B 74 -14.57 4.65 -17.65
N GLY B 75 -14.44 3.32 -17.58
CA GLY B 75 -15.55 2.36 -17.76
C GLY B 75 -16.67 2.67 -16.81
N ALA B 76 -17.78 1.91 -16.87
CA ALA B 76 -19.05 2.16 -16.18
C ALA B 76 -18.90 2.10 -14.64
N ASN B 77 -18.05 1.21 -14.12
CA ASN B 77 -17.87 0.98 -12.66
C ASN B 77 -16.59 1.65 -12.16
N ALA B 78 -16.12 2.72 -12.79
CA ALA B 78 -14.84 3.38 -12.45
C ALA B 78 -14.92 4.91 -12.53
N ALA B 79 -16.13 5.48 -12.64
CA ALA B 79 -16.41 6.93 -12.71
C ALA B 79 -15.71 7.67 -11.56
N GLN B 80 -15.77 7.10 -10.35
CA GLN B 80 -15.17 7.67 -9.11
C GLN B 80 -13.70 8.06 -9.32
N TRP B 81 -13.02 7.53 -10.34
CA TRP B 81 -11.56 7.73 -10.53
C TRP B 81 -11.26 8.97 -11.38
N LEU B 82 -12.26 9.53 -12.07
CA LEU B 82 -12.07 10.62 -13.06
C LEU B 82 -11.43 11.84 -12.39
N GLY B 83 -10.27 12.28 -12.90
CA GLY B 83 -9.57 13.49 -12.45
C GLY B 83 -8.58 13.21 -11.33
N ARG B 84 -8.69 12.04 -10.69
CA ARG B 84 -7.79 11.67 -9.56
C ARG B 84 -6.39 11.38 -10.15
N ALA B 85 -5.35 11.97 -9.57
CA ALA B 85 -3.93 11.64 -9.85
C ALA B 85 -3.62 10.29 -9.20
N VAL B 86 -3.00 9.38 -9.95
CA VAL B 86 -2.78 7.99 -9.49
C VAL B 86 -1.34 7.58 -9.74
N ILE B 87 -0.91 6.60 -8.95
CA ILE B 87 0.21 5.67 -9.28
C ILE B 87 -0.46 4.35 -9.66
N VAL B 88 -0.07 3.81 -10.80
CA VAL B 88 -0.57 2.51 -11.31
C VAL B 88 0.34 1.44 -10.73
N PRO B 89 -0.24 0.41 -10.06
CA PRO B 89 0.52 -0.75 -9.61
C PRO B 89 1.24 -1.43 -10.77
N ALA B 90 2.54 -1.68 -10.61
CA ALA B 90 3.38 -2.38 -11.61
C ALA B 90 2.78 -3.74 -11.97
N VAL B 91 2.10 -4.38 -11.03
CA VAL B 91 1.45 -5.71 -11.21
C VAL B 91 0.13 -5.69 -10.43
N MET B 92 -0.98 -5.98 -11.09
CA MET B 92 -2.35 -5.86 -10.53
C MET B 92 -3.00 -7.25 -10.46
N PRO B 93 -3.14 -7.80 -9.24
CA PRO B 93 -3.95 -9.00 -9.02
C PRO B 93 -5.43 -8.80 -9.35
N CYS B 94 -6.17 -9.91 -9.60
CA CYS B 94 -7.64 -9.94 -9.86
C CYS B 94 -8.37 -9.14 -8.81
N GLY B 95 -8.02 -9.42 -7.59
CA GLY B 95 -8.69 -8.86 -6.40
C GLY B 95 -9.90 -9.70 -5.98
N THR B 96 -10.28 -10.72 -6.75
CA THR B 96 -11.61 -11.39 -6.62
C THR B 96 -11.49 -12.91 -6.45
N CYS B 97 -10.37 -13.50 -6.86
CA CYS B 97 -10.13 -14.97 -6.86
C CYS B 97 -9.69 -15.35 -5.43
N GLU B 98 -9.79 -16.63 -5.09
CA GLU B 98 -9.54 -17.17 -3.72
C GLU B 98 -8.11 -16.83 -3.29
N LEU B 99 -7.12 -16.85 -4.17
CA LEU B 99 -5.73 -16.47 -3.78
C LEU B 99 -5.68 -14.99 -3.40
N CYS B 100 -6.21 -14.11 -4.25
CA CYS B 100 -6.24 -12.64 -3.98
C CYS B 100 -6.98 -12.42 -2.63
N THR B 101 -8.09 -13.12 -2.42
CA THR B 101 -9.04 -12.85 -1.30
C THR B 101 -8.55 -13.51 0.00
N SER B 102 -7.56 -14.40 -0.08
CA SER B 102 -6.95 -15.09 1.08
C SER B 102 -5.58 -14.47 1.40
N GLY B 103 -5.26 -13.31 0.84
CA GLY B 103 -4.00 -12.59 1.11
C GLY B 103 -2.84 -13.04 0.24
N HIS B 104 -3.07 -13.87 -0.79
CA HIS B 104 -2.01 -14.39 -1.71
C HIS B 104 -2.07 -13.71 -3.10
N GLY B 105 -2.47 -12.44 -3.15
CA GLY B 105 -2.43 -11.60 -4.37
C GLY B 105 -1.15 -11.70 -5.18
N THR B 106 0.00 -11.85 -4.55
CA THR B 106 1.32 -11.89 -5.25
C THR B 106 1.35 -13.08 -6.22
N ILE B 107 0.49 -14.08 -6.03
CA ILE B 107 0.51 -15.30 -6.89
C ILE B 107 -0.84 -15.46 -7.60
N CYS B 108 -1.58 -14.37 -7.84
CA CYS B 108 -2.84 -14.45 -8.62
C CYS B 108 -2.44 -14.98 -10.00
N ARG B 109 -3.18 -15.97 -10.50
CA ARG B 109 -2.89 -16.57 -11.81
C ARG B 109 -3.44 -15.63 -12.88
N ASP B 110 -4.03 -14.52 -12.45
CA ASP B 110 -4.67 -13.57 -13.38
C ASP B 110 -4.14 -12.15 -13.12
N GLN B 111 -2.83 -12.01 -12.92
CA GLN B 111 -2.26 -10.68 -12.60
C GLN B 111 -1.84 -10.00 -13.90
N VAL B 112 -1.96 -8.67 -13.96
CA VAL B 112 -1.68 -7.93 -15.23
C VAL B 112 -0.64 -6.87 -14.91
N MET B 113 0.43 -6.88 -15.70
CA MET B 113 1.57 -5.94 -15.60
C MET B 113 1.56 -5.08 -16.86
N PRO B 114 1.37 -3.74 -16.74
CA PRO B 114 1.54 -2.87 -17.89
C PRO B 114 2.93 -3.09 -18.50
N GLY B 115 3.09 -2.94 -19.81
CA GLY B 115 4.40 -3.07 -20.49
C GLY B 115 4.93 -4.48 -20.41
N ASN B 116 4.02 -5.46 -20.40
CA ASN B 116 4.33 -6.92 -20.44
C ASN B 116 3.08 -7.71 -20.84
N ASP B 117 2.02 -7.64 -20.03
CA ASP B 117 0.70 -8.26 -20.28
C ASP B 117 -0.15 -7.35 -21.16
N ILE B 118 -0.06 -6.04 -20.96
CA ILE B 118 -0.86 -5.05 -21.73
C ILE B 118 0.07 -3.91 -22.16
N GLN B 119 -0.38 -3.04 -23.08
CA GLN B 119 0.41 -1.89 -23.57
C GLN B 119 0.82 -1.10 -22.33
N GLY B 120 2.06 -0.60 -22.31
CA GLY B 120 2.69 0.06 -21.14
C GLY B 120 2.65 1.57 -21.19
N GLY B 121 3.49 2.21 -20.38
CA GLY B 121 3.37 3.63 -19.98
C GLY B 121 4.34 4.55 -20.70
N PHE B 122 5.22 4.02 -21.55
CA PHE B 122 5.99 4.83 -22.54
C PHE B 122 5.00 5.28 -23.63
N ALA B 123 4.14 6.23 -23.25
CA ALA B 123 2.92 6.64 -23.98
C ALA B 123 2.33 7.89 -23.32
N SER B 124 1.60 8.69 -24.08
CA SER B 124 0.76 9.80 -23.59
C SER B 124 -0.31 9.23 -22.68
N HIS B 125 -0.85 8.08 -23.07
CA HIS B 125 -2.04 7.46 -22.44
C HIS B 125 -1.80 5.95 -22.34
N VAL B 126 -2.39 5.33 -21.33
CA VAL B 126 -2.33 3.87 -21.10
C VAL B 126 -3.65 3.43 -20.48
N VAL B 127 -4.24 2.35 -21.01
CA VAL B 127 -5.48 1.73 -20.48
C VAL B 127 -5.07 0.65 -19.48
N VAL B 128 -5.64 0.73 -18.28
CA VAL B 128 -5.31 -0.19 -17.15
C VAL B 128 -6.58 -0.47 -16.38
N PRO B 129 -6.63 -1.61 -15.65
CA PRO B 129 -7.70 -1.87 -14.69
C PRO B 129 -7.66 -0.83 -13.56
N ALA B 130 -8.79 -0.57 -12.92
CA ALA B 130 -8.94 0.44 -11.84
C ALA B 130 -8.64 -0.19 -10.48
N ARG B 131 -8.64 -1.52 -10.41
CA ARG B 131 -8.37 -2.30 -9.17
C ARG B 131 -6.95 -2.00 -8.68
N GLY B 132 -6.84 -1.45 -7.46
CA GLY B 132 -5.57 -1.20 -6.76
C GLY B 132 -4.88 0.10 -7.15
N LEU B 133 -5.52 0.95 -7.95
CA LEU B 133 -4.97 2.30 -8.26
C LEU B 133 -4.69 3.01 -6.94
N CYS B 134 -3.51 3.63 -6.84
CA CYS B 134 -3.05 4.37 -5.63
C CYS B 134 -3.34 5.87 -5.75
N PRO B 135 -4.29 6.43 -4.98
CA PRO B 135 -4.59 7.86 -5.07
C PRO B 135 -3.37 8.67 -4.62
N VAL B 136 -3.10 9.79 -5.30
CA VAL B 136 -2.00 10.74 -4.95
C VAL B 136 -2.63 12.06 -4.48
N ASP B 137 -2.35 12.44 -3.24
CA ASP B 137 -2.71 13.77 -2.67
C ASP B 137 -1.76 14.79 -3.30
N GLU B 138 -2.27 15.65 -4.19
CA GLU B 138 -1.46 16.60 -4.99
C GLU B 138 -1.02 17.77 -4.12
N ALA B 139 -1.88 18.20 -3.18
CA ALA B 139 -1.55 19.18 -2.11
C ALA B 139 -0.27 18.74 -1.39
N ARG B 140 -0.24 17.50 -0.90
CA ARG B 140 0.91 16.94 -0.14
C ARG B 140 2.11 16.73 -1.09
N LEU B 141 1.83 16.32 -2.33
CA LEU B 141 2.84 16.14 -3.41
C LEU B 141 3.62 17.44 -3.60
N ALA B 142 2.88 18.55 -3.79
CA ALA B 142 3.42 19.92 -3.97
C ALA B 142 4.30 20.26 -2.77
N ALA B 143 3.72 20.15 -1.56
CA ALA B 143 4.39 20.49 -0.27
C ALA B 143 5.70 19.70 -0.10
N ALA B 144 5.85 18.53 -0.70
CA ALA B 144 7.10 17.73 -0.63
C ALA B 144 8.08 18.16 -1.72
N GLY B 145 7.64 19.10 -2.58
CA GLY B 145 8.46 19.71 -3.65
C GLY B 145 8.60 18.79 -4.85
N LEU B 146 7.52 18.11 -5.24
CA LEU B 146 7.51 17.03 -6.25
C LEU B 146 6.40 17.29 -7.29
N GLN B 147 6.67 16.91 -8.55
CA GLN B 147 5.65 16.79 -9.63
C GLN B 147 5.09 15.37 -9.63
N LEU B 148 3.86 15.22 -10.14
CA LEU B 148 3.19 13.91 -10.33
C LEU B 148 4.10 12.92 -11.05
N ALA B 149 4.88 13.36 -12.04
CA ALA B 149 5.76 12.49 -12.85
C ALA B 149 6.83 11.83 -11.98
N ASP B 150 7.24 12.49 -10.88
CA ASP B 150 8.38 12.06 -10.02
C ASP B 150 8.04 10.76 -9.26
N VAL B 151 6.77 10.61 -8.84
CA VAL B 151 6.30 9.48 -7.98
C VAL B 151 5.95 8.27 -8.87
N SER B 152 6.16 8.36 -10.18
CA SER B 152 6.00 7.22 -11.12
C SER B 152 6.81 6.03 -10.59
N VAL B 153 8.06 6.25 -10.18
CA VAL B 153 9.01 5.18 -9.76
C VAL B 153 8.62 4.60 -8.39
N VAL B 154 7.63 5.17 -7.68
CA VAL B 154 7.08 4.54 -6.46
C VAL B 154 6.67 3.11 -6.82
N ALA B 155 6.02 2.94 -7.97
CA ALA B 155 5.67 1.61 -8.54
C ALA B 155 6.95 0.82 -8.82
N ASP B 156 6.99 -0.42 -8.32
CA ASP B 156 8.13 -1.38 -8.43
C ASP B 156 9.29 -0.88 -7.58
N ALA B 157 10.00 0.18 -8.00
CA ALA B 157 11.31 0.58 -7.43
C ALA B 157 11.20 0.82 -5.91
N VAL B 158 10.13 1.49 -5.44
CA VAL B 158 9.91 1.75 -3.99
C VAL B 158 9.10 0.59 -3.40
N THR B 159 7.99 0.20 -4.04
CA THR B 159 7.00 -0.74 -3.46
C THR B 159 7.62 -2.12 -3.27
N THR B 160 8.50 -2.54 -4.18
CA THR B 160 9.07 -3.92 -4.16
C THR B 160 9.86 -4.06 -2.86
N PRO B 161 10.89 -3.22 -2.62
CA PRO B 161 11.60 -3.26 -1.34
C PRO B 161 10.66 -2.94 -0.16
N TYR B 162 9.63 -2.13 -0.35
CA TYR B 162 8.67 -1.82 0.74
C TYR B 162 8.01 -3.12 1.22
N GLN B 163 7.54 -3.95 0.28
CA GLN B 163 6.94 -5.27 0.61
C GLN B 163 8.00 -6.08 1.36
N ALA B 164 9.24 -6.10 0.88
CA ALA B 164 10.31 -6.96 1.45
C ALA B 164 10.51 -6.58 2.91
N VAL B 165 10.49 -5.28 3.21
CA VAL B 165 10.81 -4.73 4.55
C VAL B 165 9.62 -4.97 5.47
N LEU B 166 8.40 -4.75 4.99
CA LEU B 166 7.16 -4.98 5.78
C LEU B 166 7.12 -6.45 6.22
N GLN B 167 7.31 -7.38 5.27
CA GLN B 167 7.36 -8.84 5.48
C GLN B 167 8.42 -9.21 6.52
N ALA B 168 9.57 -8.53 6.50
CA ALA B 168 10.75 -8.88 7.31
C ALA B 168 10.53 -8.42 8.75
N GLY B 169 9.61 -7.47 8.95
CA GLY B 169 9.26 -6.96 10.30
C GLY B 169 10.42 -6.22 10.93
N VAL B 170 11.02 -5.35 10.16
CA VAL B 170 12.09 -4.43 10.64
C VAL B 170 11.45 -3.61 11.76
N GLU B 171 12.18 -3.44 12.87
CA GLU B 171 11.71 -2.65 14.04
C GLU B 171 12.92 -1.98 14.69
N PRO B 172 12.70 -0.87 15.45
CA PRO B 172 13.81 -0.12 16.04
C PRO B 172 14.76 -1.00 16.85
N GLY B 173 16.06 -0.77 16.72
CA GLY B 173 17.12 -1.54 17.38
C GLY B 173 17.70 -2.58 16.44
N ASP B 174 17.02 -2.86 15.32
CA ASP B 174 17.49 -3.82 14.30
C ASP B 174 18.77 -3.32 13.61
N VAL B 175 19.70 -4.24 13.37
CA VAL B 175 20.66 -4.16 12.24
C VAL B 175 19.91 -4.62 10.99
N ALA B 176 19.94 -3.83 9.92
CA ALA B 176 19.54 -4.26 8.56
C ALA B 176 20.76 -4.28 7.66
N VAL B 177 20.90 -5.32 6.84
CA VAL B 177 21.96 -5.36 5.81
C VAL B 177 21.26 -5.43 4.45
N VAL B 178 21.55 -4.51 3.52
CA VAL B 178 21.08 -4.64 2.12
C VAL B 178 22.29 -4.81 1.21
N ILE B 179 22.29 -5.91 0.46
CA ILE B 179 23.39 -6.32 -0.47
C ILE B 179 22.92 -5.98 -1.88
N GLY B 180 23.70 -5.17 -2.57
CA GLY B 180 23.30 -4.54 -3.85
C GLY B 180 22.36 -3.40 -3.59
N VAL B 181 22.85 -2.18 -3.73
CA VAL B 181 22.19 -0.99 -3.15
C VAL B 181 21.92 -0.04 -4.30
N GLY B 182 21.68 -0.61 -5.49
CA GLY B 182 21.16 0.11 -6.66
C GLY B 182 19.68 -0.18 -6.86
N GLY B 183 18.95 0.80 -7.37
CA GLY B 183 17.58 0.65 -7.92
C GLY B 183 16.59 0.33 -6.82
N VAL B 184 16.27 -0.95 -6.70
CA VAL B 184 15.48 -1.57 -5.60
C VAL B 184 16.25 -1.43 -4.27
N GLY B 185 17.51 -1.89 -4.25
CA GLY B 185 18.37 -1.89 -3.05
C GLY B 185 18.45 -0.53 -2.35
N GLY B 186 18.66 0.55 -3.10
CA GLY B 186 18.77 1.90 -2.54
C GLY B 186 17.56 2.25 -1.72
N TYR B 187 16.36 1.96 -2.23
CA TYR B 187 15.10 2.24 -1.50
C TYR B 187 14.94 1.22 -0.34
N ALA B 188 15.52 0.03 -0.47
CA ALA B 188 15.57 -0.97 0.62
C ALA B 188 16.28 -0.33 1.81
N VAL B 189 17.45 0.28 1.57
CA VAL B 189 18.24 1.00 2.61
C VAL B 189 17.36 2.11 3.21
N GLN B 190 16.78 2.95 2.38
CA GLN B 190 16.01 4.15 2.81
C GLN B 190 14.81 3.71 3.66
N ILE B 191 14.15 2.61 3.28
CA ILE B 191 12.88 2.18 3.94
C ILE B 191 13.22 1.45 5.25
N ALA B 192 14.21 0.55 5.22
CA ALA B 192 14.71 -0.13 6.44
C ALA B 192 14.98 0.94 7.47
N ASN B 193 15.74 1.95 7.08
CA ASN B 193 16.16 3.09 7.95
C ASN B 193 14.92 3.82 8.49
N ALA B 194 13.94 4.11 7.65
CA ALA B 194 12.68 4.78 8.05
C ALA B 194 11.93 3.95 9.08
N PHE B 195 12.09 2.63 9.04
CA PHE B 195 11.39 1.67 9.94
C PHE B 195 12.17 1.55 11.26
N GLY B 196 13.39 2.09 11.35
CA GLY B 196 14.14 2.23 12.60
C GLY B 196 15.45 1.47 12.65
N ALA B 197 15.85 0.78 11.57
CA ALA B 197 17.06 -0.08 11.56
C ALA B 197 18.28 0.81 11.38
N SER B 198 19.43 0.37 11.88
CA SER B 198 20.76 0.90 11.52
C SER B 198 21.18 0.06 10.30
N VAL B 199 21.28 0.69 9.13
CA VAL B 199 21.41 -0.08 7.85
C VAL B 199 22.90 -0.14 7.47
N VAL B 200 23.42 -1.34 7.30
CA VAL B 200 24.70 -1.60 6.56
C VAL B 200 24.36 -1.77 5.07
N ALA B 201 24.95 -0.93 4.22
CA ALA B 201 24.87 -1.02 2.73
C ALA B 201 26.10 -1.78 2.22
N ILE B 202 25.90 -2.73 1.32
CA ILE B 202 27.01 -3.50 0.67
C ILE B 202 26.83 -3.42 -0.85
N ASP B 203 27.92 -3.17 -1.58
CA ASP B 203 27.89 -3.04 -3.06
C ASP B 203 29.32 -3.20 -3.60
N VAL B 204 29.46 -3.21 -4.92
CA VAL B 204 30.75 -3.31 -5.66
C VAL B 204 31.12 -1.93 -6.21
N ASP B 205 30.17 -0.98 -6.21
CA ASP B 205 30.35 0.39 -6.80
C ASP B 205 30.45 1.41 -5.67
N PRO B 206 31.65 1.95 -5.36
CA PRO B 206 31.83 2.85 -4.22
C PRO B 206 31.07 4.18 -4.33
N ALA B 207 30.58 4.52 -5.52
CA ALA B 207 29.77 5.74 -5.77
C ALA B 207 28.36 5.58 -5.19
N LYS B 208 27.76 4.40 -5.33
CA LYS B 208 26.42 4.12 -4.78
C LYS B 208 26.55 4.02 -3.26
N LEU B 209 27.66 3.47 -2.77
CA LEU B 209 27.95 3.42 -1.32
C LEU B 209 28.05 4.85 -0.77
N GLU B 210 28.92 5.69 -1.37
CA GLU B 210 29.06 7.14 -1.03
C GLU B 210 27.66 7.78 -1.00
N MET B 211 26.84 7.52 -2.02
CA MET B 211 25.49 8.11 -2.19
C MET B 211 24.56 7.68 -1.04
N MET B 212 24.62 6.42 -0.59
CA MET B 212 23.67 5.88 0.42
C MET B 212 24.07 6.34 1.84
N SER B 213 25.35 6.64 2.07
CA SER B 213 25.89 7.31 3.30
C SER B 213 25.00 8.49 3.68
N LYS B 214 24.52 9.24 2.69
CA LYS B 214 23.72 10.48 2.89
C LYS B 214 22.23 10.13 3.02
N HIS B 215 21.82 8.87 2.81
CA HIS B 215 20.39 8.50 2.62
C HIS B 215 19.98 7.26 3.43
N GLY B 216 20.68 6.96 4.53
CA GLY B 216 20.18 6.04 5.57
C GLY B 216 21.14 4.89 5.86
N ALA B 217 22.24 4.78 5.11
CA ALA B 217 23.28 3.76 5.34
C ALA B 217 24.24 4.27 6.41
N ALA B 218 24.11 3.77 7.65
CA ALA B 218 24.97 4.14 8.81
C ALA B 218 26.36 3.49 8.67
N LEU B 219 26.49 2.45 7.85
CA LEU B 219 27.79 1.78 7.57
C LEU B 219 27.75 1.36 6.09
N THR B 220 28.88 1.44 5.39
CA THR B 220 29.01 1.01 3.97
C THR B 220 30.24 0.11 3.85
N LEU B 221 30.15 -0.92 3.01
CA LEU B 221 31.22 -1.92 2.81
C LEU B 221 31.25 -2.27 1.33
N ASN B 222 32.44 -2.21 0.73
CA ASN B 222 32.66 -2.65 -0.66
C ASN B 222 32.87 -4.17 -0.64
N ALA B 223 32.05 -4.92 -1.39
CA ALA B 223 32.05 -6.40 -1.38
C ALA B 223 33.31 -6.92 -2.08
N ARG B 224 33.95 -6.11 -2.93
CA ARG B 224 35.25 -6.46 -3.59
C ARG B 224 36.39 -6.42 -2.57
N GLU B 225 36.34 -5.50 -1.60
CA GLU B 225 37.40 -5.28 -0.58
C GLU B 225 37.20 -6.22 0.63
N ILE B 226 36.00 -6.30 1.21
CA ILE B 226 35.73 -7.07 2.46
C ILE B 226 35.09 -8.42 2.10
N SER B 227 35.72 -9.52 2.51
CA SER B 227 35.30 -10.93 2.25
C SER B 227 34.24 -11.36 3.27
N GLY B 228 33.79 -12.62 3.20
CA GLY B 228 32.74 -13.22 4.05
C GLY B 228 33.08 -13.21 5.54
N ARG B 229 34.12 -13.94 5.95
CA ARG B 229 34.56 -14.03 7.38
C ARG B 229 34.60 -12.62 8.00
N ASP B 230 35.32 -11.69 7.36
CA ASP B 230 35.56 -10.31 7.88
C ASP B 230 34.25 -9.53 7.91
N LEU B 231 33.36 -9.80 6.94
CA LEU B 231 32.08 -9.09 6.73
C LEU B 231 31.17 -9.27 7.95
N LYS B 232 31.10 -10.51 8.46
CA LYS B 232 30.36 -10.88 9.70
C LYS B 232 30.97 -10.08 10.86
N LYS B 233 32.28 -10.20 11.08
CA LYS B 233 33.01 -9.53 12.19
C LYS B 233 32.67 -8.03 12.15
N ALA B 234 32.75 -7.41 10.97
CA ALA B 234 32.56 -5.95 10.79
C ALA B 234 31.11 -5.51 11.13
N ILE B 235 30.11 -6.35 10.87
CA ILE B 235 28.69 -6.00 11.19
C ILE B 235 28.45 -6.28 12.67
N GLU B 236 29.02 -7.37 13.21
CA GLU B 236 29.04 -7.68 14.66
C GLU B 236 29.62 -6.45 15.37
N ALA B 237 30.76 -5.95 14.87
CA ALA B 237 31.48 -4.76 15.40
C ALA B 237 30.52 -3.56 15.41
N HIS B 238 29.87 -3.29 14.28
CA HIS B 238 28.94 -2.14 14.13
C HIS B 238 27.83 -2.24 15.20
N ALA B 239 27.30 -3.45 15.40
CA ALA B 239 26.16 -3.71 16.32
C ALA B 239 26.60 -3.48 17.76
N LYS B 240 27.74 -4.08 18.15
CA LYS B 240 28.32 -4.04 19.51
C LYS B 240 28.62 -2.59 19.88
N ALA B 241 29.32 -1.87 18.99
CA ALA B 241 29.77 -0.47 19.15
C ALA B 241 28.59 0.51 19.22
N ASN B 242 27.39 0.14 18.78
CA ASN B 242 26.22 1.06 18.73
C ASN B 242 25.07 0.56 19.62
N GLY B 243 25.29 -0.52 20.38
CA GLY B 243 24.26 -1.10 21.27
C GLY B 243 23.06 -1.58 20.49
N LEU B 244 23.32 -2.22 19.34
CA LEU B 244 22.28 -2.75 18.42
C LEU B 244 22.17 -4.25 18.63
N ARG B 245 21.06 -4.83 18.17
CA ARG B 245 20.72 -6.27 18.28
C ARG B 245 21.83 -7.12 17.64
N LEU B 246 22.31 -8.16 18.33
CA LEU B 246 23.18 -9.22 17.76
C LEU B 246 22.32 -10.36 17.18
N THR B 247 21.00 -10.29 17.39
CA THR B 247 20.00 -11.26 16.86
C THR B 247 19.06 -10.55 15.89
N ARG B 248 18.29 -11.33 15.12
CA ARG B 248 17.10 -10.85 14.38
C ARG B 248 17.50 -9.90 13.25
N TRP B 249 18.73 -10.02 12.74
CA TRP B 249 19.25 -9.20 11.61
C TRP B 249 18.28 -9.33 10.42
N LYS B 250 17.90 -8.21 9.81
CA LYS B 250 17.07 -8.14 8.59
C LYS B 250 17.98 -7.92 7.39
N ILE B 251 18.27 -8.99 6.66
CA ILE B 251 19.20 -9.04 5.50
C ILE B 251 18.39 -9.03 4.20
N PHE B 252 18.55 -8.00 3.37
CA PHE B 252 17.86 -7.86 2.05
C PHE B 252 18.89 -8.12 0.94
N GLU B 253 18.72 -9.23 0.20
CA GLU B 253 19.53 -9.53 -1.01
C GLU B 253 18.86 -8.84 -2.22
N CYS B 254 19.45 -7.74 -2.70
CA CYS B 254 18.86 -6.87 -3.77
C CYS B 254 19.83 -6.76 -4.95
N SER B 255 20.83 -7.64 -5.05
CA SER B 255 21.83 -7.63 -6.15
C SER B 255 21.30 -8.41 -7.36
N GLY B 256 20.65 -9.55 -7.12
CA GLY B 256 20.18 -10.46 -8.19
C GLY B 256 21.37 -11.17 -8.81
N THR B 257 22.35 -11.52 -7.97
CA THR B 257 23.60 -12.24 -8.33
C THR B 257 23.88 -13.31 -7.27
N GLY B 258 24.41 -14.46 -7.67
CA GLY B 258 24.71 -15.56 -6.73
C GLY B 258 25.72 -15.13 -5.69
N ALA B 259 26.65 -14.24 -6.04
CA ALA B 259 27.66 -13.71 -5.09
C ALA B 259 26.94 -13.03 -3.93
N GLY B 260 26.04 -12.09 -4.26
CA GLY B 260 25.18 -11.38 -3.30
C GLY B 260 24.42 -12.34 -2.40
N GLN B 261 23.80 -13.35 -2.99
CA GLN B 261 22.97 -14.36 -2.27
C GLN B 261 23.86 -15.11 -1.30
N THR B 262 25.01 -15.61 -1.75
CA THR B 262 25.97 -16.38 -0.92
C THR B 262 26.39 -15.51 0.27
N SER B 263 26.66 -14.23 0.01
CA SER B 263 27.13 -13.25 1.01
C SER B 263 26.05 -13.08 2.08
N ALA B 264 24.81 -12.78 1.64
CA ALA B 264 23.62 -12.51 2.47
C ALA B 264 23.32 -13.72 3.35
N TYR B 265 23.29 -14.92 2.75
CA TYR B 265 22.99 -16.17 3.48
C TYR B 265 24.03 -16.38 4.59
N GLY B 266 25.29 -16.02 4.31
CA GLY B 266 26.42 -16.14 5.27
C GLY B 266 26.23 -15.24 6.48
N LEU B 267 25.39 -14.21 6.36
CA LEU B 267 25.14 -13.21 7.42
C LEU B 267 23.99 -13.63 8.34
N LEU B 268 23.37 -14.78 8.10
CA LEU B 268 22.30 -15.29 9.00
C LEU B 268 22.85 -15.41 10.42
N THR B 269 22.01 -15.09 11.38
CA THR B 269 22.27 -15.28 12.83
C THR B 269 20.93 -15.61 13.52
N HIS B 270 20.97 -15.88 14.81
CA HIS B 270 19.79 -16.29 15.62
C HIS B 270 18.63 -15.34 15.35
N GLY B 271 17.52 -15.87 14.82
CA GLY B 271 16.26 -15.12 14.60
C GLY B 271 16.30 -14.21 13.38
N ALA B 272 17.31 -14.35 12.52
CA ALA B 272 17.51 -13.49 11.33
C ALA B 272 16.42 -13.77 10.29
N THR B 273 16.06 -12.75 9.51
CA THR B 273 15.20 -12.87 8.30
C THR B 273 16.07 -12.55 7.09
N LEU B 274 16.20 -13.47 6.13
CA LEU B 274 16.81 -13.16 4.81
C LEU B 274 15.67 -12.91 3.83
N ALA B 275 15.50 -11.68 3.36
CA ALA B 275 14.53 -11.30 2.31
C ALA B 275 15.21 -11.47 0.95
N VAL B 276 14.77 -12.46 0.17
CA VAL B 276 15.24 -12.75 -1.23
C VAL B 276 14.41 -11.89 -2.21
N VAL B 277 15.00 -10.81 -2.71
CA VAL B 277 14.30 -9.82 -3.58
C VAL B 277 14.85 -9.95 -5.01
N GLY B 278 16.18 -10.03 -5.15
CA GLY B 278 16.89 -10.16 -6.43
C GLY B 278 16.65 -11.52 -7.05
N PHE B 279 16.55 -11.57 -8.38
CA PHE B 279 16.40 -12.81 -9.18
C PHE B 279 17.67 -13.10 -9.98
N THR B 280 18.22 -14.30 -9.82
CA THR B 280 19.25 -14.89 -10.71
C THR B 280 18.86 -16.33 -10.99
N MET B 281 19.32 -16.88 -12.12
CA MET B 281 19.14 -18.33 -12.45
C MET B 281 20.31 -19.10 -11.84
N ASP B 282 21.39 -18.41 -11.42
CA ASP B 282 22.56 -19.03 -10.76
C ASP B 282 22.12 -19.84 -9.53
N LYS B 283 22.65 -21.06 -9.40
CA LYS B 283 22.54 -21.89 -8.17
C LYS B 283 23.60 -21.37 -7.18
N VAL B 284 23.44 -21.67 -5.88
CA VAL B 284 24.37 -21.28 -4.77
C VAL B 284 24.49 -22.48 -3.81
N GLU B 285 25.69 -22.65 -3.24
CA GLU B 285 26.05 -23.68 -2.24
C GLU B 285 25.82 -23.06 -0.86
N VAL B 286 24.90 -23.59 -0.04
CA VAL B 286 24.56 -23.02 1.30
C VAL B 286 24.25 -24.16 2.30
N ARG B 287 24.55 -23.95 3.58
CA ARG B 287 24.12 -24.83 4.68
C ARG B 287 22.67 -24.45 4.99
N LEU B 288 21.72 -25.11 4.32
CA LEU B 288 20.26 -24.87 4.47
C LEU B 288 19.86 -25.06 5.93
N SER B 289 20.53 -25.94 6.66
CA SER B 289 20.17 -26.31 8.06
C SER B 289 20.45 -25.13 9.01
N ASN B 290 21.31 -24.19 8.60
CA ASN B 290 21.54 -22.95 9.39
C ASN B 290 20.19 -22.31 9.74
N LEU B 291 19.18 -22.42 8.86
CA LEU B 291 17.80 -21.91 9.10
C LEU B 291 17.26 -22.55 10.39
N MET B 292 17.45 -23.85 10.58
CA MET B 292 16.98 -24.54 11.81
C MET B 292 17.88 -24.13 12.98
N ALA B 293 19.20 -24.10 12.77
CA ALA B 293 20.19 -23.85 13.85
C ALA B 293 19.99 -22.47 14.45
N PHE B 294 19.67 -21.48 13.62
CA PHE B 294 19.47 -20.07 14.05
C PHE B 294 17.99 -19.78 14.30
N HIS B 295 17.08 -20.73 14.10
CA HIS B 295 15.61 -20.50 14.01
C HIS B 295 15.39 -19.21 13.19
N ALA B 296 15.96 -19.18 11.99
CA ALA B 296 15.91 -18.08 11.02
C ALA B 296 14.95 -18.44 9.88
N ARG B 297 14.66 -17.48 9.01
CA ARG B 297 13.75 -17.66 7.86
C ARG B 297 14.32 -16.91 6.64
N ALA B 298 14.12 -17.50 5.45
CA ALA B 298 14.35 -16.87 4.14
C ALA B 298 12.98 -16.61 3.50
N LEU B 299 12.66 -15.34 3.23
CA LEU B 299 11.36 -14.88 2.66
C LEU B 299 11.58 -14.36 1.24
N GLY B 300 11.04 -15.07 0.26
CA GLY B 300 10.83 -14.53 -1.09
C GLY B 300 9.79 -13.42 -1.08
N ASN B 301 9.87 -12.60 -2.12
CA ASN B 301 9.08 -11.38 -2.33
C ASN B 301 8.92 -11.17 -3.83
N TRP B 302 7.71 -11.36 -4.35
CA TRP B 302 7.33 -11.10 -5.76
C TRP B 302 6.58 -9.77 -5.83
N GLY B 303 7.26 -8.69 -6.24
CA GLY B 303 6.66 -7.34 -6.30
C GLY B 303 5.93 -6.96 -5.03
N CYS B 304 4.76 -6.34 -5.13
CA CYS B 304 4.07 -5.75 -3.96
C CYS B 304 2.57 -5.71 -4.20
N LEU B 305 1.79 -6.14 -3.22
CA LEU B 305 0.32 -5.95 -3.21
C LEU B 305 0.03 -4.47 -3.36
N PRO B 306 -0.90 -4.09 -4.25
CA PRO B 306 -1.34 -2.71 -4.38
C PRO B 306 -1.70 -2.05 -3.03
N GLU B 307 -2.32 -2.82 -2.13
CA GLU B 307 -2.89 -2.25 -0.89
C GLU B 307 -1.79 -1.56 -0.05
N TYR B 308 -0.50 -1.81 -0.32
CA TYR B 308 0.64 -1.18 0.40
C TYR B 308 1.19 0.03 -0.35
N TYR B 309 0.68 0.36 -1.54
CA TYR B 309 1.18 1.49 -2.37
C TYR B 309 1.00 2.81 -1.61
N PRO B 310 -0.19 3.13 -1.05
CA PRO B 310 -0.36 4.37 -0.29
C PRO B 310 0.64 4.59 0.86
N ALA B 311 1.01 3.54 1.59
CA ALA B 311 2.02 3.61 2.69
C ALA B 311 3.40 3.94 2.12
N ALA B 312 3.77 3.31 1.01
CA ALA B 312 5.07 3.56 0.33
C ALA B 312 5.12 5.03 -0.12
N LEU B 313 4.03 5.50 -0.73
CA LEU B 313 3.86 6.92 -1.16
C LEU B 313 3.97 7.84 0.06
N ASP B 314 3.29 7.51 1.16
CA ASP B 314 3.32 8.33 2.40
C ASP B 314 4.77 8.50 2.87
N LEU B 315 5.64 7.51 2.66
CA LEU B 315 7.07 7.64 3.04
C LEU B 315 7.70 8.79 2.25
N VAL B 316 7.29 8.97 0.99
CA VAL B 316 7.86 10.00 0.06
C VAL B 316 7.26 11.36 0.41
N LEU B 317 5.93 11.44 0.50
CA LEU B 317 5.15 12.65 0.83
C LEU B 317 5.58 13.22 2.19
N ASP B 318 5.90 12.37 3.16
CA ASP B 318 6.23 12.78 4.55
C ASP B 318 7.77 12.82 4.67
N LYS B 319 8.50 12.81 3.56
CA LYS B 319 9.96 13.09 3.51
C LYS B 319 10.74 12.08 4.37
N LYS B 320 10.15 10.94 4.73
CA LYS B 320 10.84 9.84 5.48
C LYS B 320 11.82 9.12 4.54
N ILE B 321 11.63 9.23 3.22
CA ILE B 321 12.66 8.87 2.18
C ILE B 321 12.73 9.97 1.11
N ASP B 322 13.76 9.91 0.26
CA ASP B 322 14.05 10.87 -0.83
C ASP B 322 13.91 10.16 -2.19
N LEU B 323 13.01 10.64 -3.06
CA LEU B 323 12.99 10.31 -4.51
C LEU B 323 13.98 11.19 -5.27
N ALA B 324 13.81 12.51 -5.13
CA ALA B 324 14.39 13.59 -5.96
C ALA B 324 15.88 13.35 -6.26
N SER B 325 16.66 12.85 -5.33
CA SER B 325 18.13 12.68 -5.51
C SER B 325 18.43 11.45 -6.39
N PHE B 326 17.42 10.66 -6.73
CA PHE B 326 17.56 9.36 -7.44
C PHE B 326 16.72 9.32 -8.71
N ILE B 327 16.21 10.46 -9.16
CA ILE B 327 15.13 10.63 -10.18
C ILE B 327 15.58 11.71 -11.17
N GLU B 328 15.50 11.43 -12.47
CA GLU B 328 15.76 12.43 -13.56
C GLU B 328 14.66 12.31 -14.62
N ARG B 329 13.85 13.36 -14.79
CA ARG B 329 12.84 13.47 -15.85
C ARG B 329 13.57 13.60 -17.21
N HIS B 330 13.07 12.91 -18.23
CA HIS B 330 13.46 13.06 -19.66
C HIS B 330 12.21 13.13 -20.52
N PRO B 331 12.27 13.79 -21.70
CA PRO B 331 11.13 13.80 -22.62
C PRO B 331 10.97 12.39 -23.19
N LEU B 332 9.72 11.89 -23.22
CA LEU B 332 9.39 10.53 -23.74
C LEU B 332 10.05 10.31 -25.12
N ASP B 333 10.11 11.34 -25.96
CA ASP B 333 10.67 11.23 -27.35
C ASP B 333 12.16 10.85 -27.31
N GLN B 334 12.80 10.90 -26.14
CA GLN B 334 14.22 10.52 -25.96
C GLN B 334 14.33 9.03 -25.57
N ILE B 335 13.21 8.30 -25.56
CA ILE B 335 13.18 6.87 -25.13
C ILE B 335 14.36 6.09 -25.71
N GLY B 336 14.74 6.34 -26.97
CA GLY B 336 15.86 5.63 -27.62
C GLY B 336 17.18 5.94 -26.94
N GLU B 337 17.51 7.23 -26.79
CA GLU B 337 18.80 7.72 -26.23
C GLU B 337 18.92 7.25 -24.77
N VAL B 338 17.83 7.29 -24.02
CA VAL B 338 17.75 6.93 -22.57
C VAL B 338 18.00 5.43 -22.39
N PHE B 339 17.33 4.56 -23.15
CA PHE B 339 17.54 3.08 -23.07
C PHE B 339 19.02 2.78 -23.28
N ALA B 340 19.60 3.36 -24.33
CA ALA B 340 21.03 3.21 -24.73
C ALA B 340 21.91 3.63 -23.55
N ALA B 341 21.65 4.82 -23.00
CA ALA B 341 22.39 5.44 -21.86
C ALA B 341 22.34 4.51 -20.64
N ALA B 342 21.20 3.88 -20.39
CA ALA B 342 20.94 3.03 -19.20
C ALA B 342 21.59 1.66 -19.37
N HIS B 343 21.59 1.11 -20.59
CA HIS B 343 22.28 -0.16 -20.95
C HIS B 343 23.79 0.02 -20.69
N ALA B 344 24.36 1.15 -21.12
CA ALA B 344 25.80 1.50 -21.05
C ALA B 344 26.18 2.01 -19.66
N HIS B 345 25.30 1.83 -18.66
CA HIS B 345 25.48 2.26 -17.24
C HIS B 345 25.93 3.73 -17.14
N LYS B 346 25.54 4.57 -18.10
CA LYS B 346 25.94 5.99 -18.18
C LYS B 346 24.98 6.87 -17.34
N LEU B 347 23.96 6.26 -16.69
CA LEU B 347 22.98 6.98 -15.84
C LEU B 347 23.23 6.66 -14.37
N THR B 348 23.04 7.65 -13.51
CA THR B 348 23.24 7.59 -12.03
C THR B 348 21.88 7.69 -11.34
N ARG B 349 20.96 8.47 -11.90
CA ARG B 349 19.56 8.59 -11.42
C ARG B 349 18.69 7.65 -12.26
N ARG B 350 17.53 7.28 -11.71
CA ARG B 350 16.50 6.49 -12.43
C ARG B 350 15.82 7.43 -13.42
N ALA B 351 15.72 7.00 -14.68
CA ALA B 351 15.08 7.77 -15.76
C ALA B 351 13.56 7.72 -15.62
N ILE B 352 12.91 8.86 -15.70
CA ILE B 352 11.43 8.96 -15.85
C ILE B 352 11.16 9.59 -17.23
N LEU B 353 10.35 8.96 -18.08
CA LEU B 353 9.98 9.51 -19.42
C LEU B 353 8.60 10.20 -19.30
N THR B 354 8.45 11.39 -19.90
CA THR B 354 7.29 12.31 -19.68
C THR B 354 6.43 12.44 -20.96
N SER C 3 -30.35 3.25 -14.13
CA SER C 3 -28.88 3.47 -14.37
C SER C 3 -28.64 4.17 -15.73
N ASN C 4 -29.49 5.16 -16.04
CA ASN C 4 -29.41 6.04 -17.24
C ASN C 4 -29.07 7.46 -16.78
N PRO C 5 -28.62 8.37 -17.68
CA PRO C 5 -28.49 9.79 -17.35
C PRO C 5 -29.85 10.37 -16.94
N HIS C 6 -29.87 11.24 -15.92
CA HIS C 6 -31.10 11.85 -15.37
C HIS C 6 -30.92 13.35 -15.13
N ARG C 7 -32.04 14.08 -15.04
CA ARG C 7 -32.09 15.51 -14.64
C ARG C 7 -33.18 15.71 -13.57
N TRP C 8 -33.11 16.84 -12.87
CA TRP C 8 -34.19 17.34 -11.99
C TRP C 8 -34.82 18.54 -12.69
N MET C 9 -36.07 18.39 -13.15
CA MET C 9 -36.71 19.34 -14.09
C MET C 9 -37.77 20.18 -13.35
N MET C 10 -37.80 21.48 -13.67
CA MET C 10 -38.88 22.40 -13.25
C MET C 10 -40.02 22.20 -14.25
N THR C 11 -41.13 21.59 -13.82
CA THR C 11 -42.38 21.43 -14.64
C THR C 11 -43.18 22.73 -14.57
N SER C 12 -43.13 23.42 -13.43
CA SER C 12 -43.91 24.65 -13.14
C SER C 12 -43.26 25.37 -11.97
N PRO C 13 -43.22 26.73 -12.00
CA PRO C 13 -42.86 27.52 -10.83
C PRO C 13 -43.59 27.07 -9.55
N GLY C 14 -42.83 26.76 -8.50
CA GLY C 14 -43.33 26.41 -7.16
C GLY C 14 -43.66 24.92 -7.02
N ALA C 15 -43.90 24.22 -8.12
CA ALA C 15 -44.18 22.77 -8.18
C ALA C 15 -42.92 21.98 -7.84
N PRO C 16 -43.04 20.74 -7.32
CA PRO C 16 -41.87 19.91 -7.04
C PRO C 16 -41.01 19.66 -8.29
N MET C 17 -39.69 19.62 -8.11
CA MET C 17 -38.74 19.16 -9.16
C MET C 17 -38.97 17.65 -9.35
N VAL C 18 -38.88 17.15 -10.57
CA VAL C 18 -39.05 15.67 -10.86
C VAL C 18 -37.70 15.13 -11.37
N ARG C 19 -37.27 14.00 -10.84
CA ARG C 19 -36.16 13.19 -11.43
C ARG C 19 -36.69 12.50 -12.70
N ALA C 20 -36.17 12.89 -13.86
CA ALA C 20 -36.51 12.30 -15.16
C ALA C 20 -35.23 11.80 -15.85
N GLU C 21 -35.17 10.51 -16.17
CA GLU C 21 -34.08 9.94 -16.99
C GLU C 21 -34.27 10.38 -18.44
N PHE C 22 -33.23 10.26 -19.27
CA PHE C 22 -33.26 10.64 -20.71
C PHE C 22 -32.19 9.86 -21.48
N GLU C 23 -32.30 9.88 -22.81
CA GLU C 23 -31.41 9.15 -23.75
C GLU C 23 -30.56 10.20 -24.49
N ILE C 24 -29.27 9.92 -24.69
CA ILE C 24 -28.30 10.83 -25.36
C ILE C 24 -28.43 10.69 -26.89
N GLY C 25 -27.93 9.61 -27.51
CA GLY C 25 -28.02 9.39 -28.97
C GLY C 25 -26.94 10.12 -29.76
N GLU C 26 -27.21 10.34 -31.06
CA GLU C 26 -26.26 10.95 -32.03
C GLU C 26 -26.10 12.43 -31.66
N LEU C 27 -24.87 12.95 -31.70
CA LEU C 27 -24.53 14.37 -31.43
C LEU C 27 -24.30 15.10 -32.78
N SER C 28 -24.68 16.38 -32.91
CA SER C 28 -24.19 17.29 -33.98
C SER C 28 -22.66 17.37 -33.94
N ALA C 29 -22.01 17.89 -34.99
CA ALA C 29 -20.54 17.89 -35.15
C ALA C 29 -19.87 18.73 -34.05
N ASP C 30 -20.54 19.78 -33.56
CA ASP C 30 -19.98 20.80 -32.64
C ASP C 30 -20.54 20.62 -31.23
N GLN C 31 -21.14 19.46 -30.91
CA GLN C 31 -21.81 19.17 -29.61
C GLN C 31 -20.93 18.24 -28.78
N VAL C 32 -21.04 18.34 -27.45
CA VAL C 32 -20.41 17.38 -26.50
C VAL C 32 -21.40 17.11 -25.36
N VAL C 33 -21.24 15.98 -24.69
CA VAL C 33 -21.89 15.63 -23.40
C VAL C 33 -20.87 15.90 -22.32
N VAL C 34 -21.21 16.72 -21.33
CA VAL C 34 -20.34 16.85 -20.13
C VAL C 34 -21.05 16.11 -19.00
N ALA C 35 -20.32 15.21 -18.36
CA ALA C 35 -20.72 14.58 -17.07
C ALA C 35 -20.55 15.64 -15.99
N VAL C 36 -21.66 16.19 -15.49
CA VAL C 36 -21.65 17.27 -14.45
C VAL C 36 -20.86 16.77 -13.23
N ALA C 37 -19.91 17.57 -12.78
CA ALA C 37 -19.21 17.44 -11.48
C ALA C 37 -20.01 18.21 -10.43
N GLY C 38 -20.35 19.46 -10.75
CA GLY C 38 -21.19 20.32 -9.91
C GLY C 38 -21.95 21.35 -10.75
N CYS C 39 -23.01 21.91 -10.18
CA CYS C 39 -23.76 23.04 -10.76
C CYS C 39 -24.24 24.00 -9.66
N GLY C 40 -23.87 25.27 -9.78
CA GLY C 40 -24.19 26.32 -8.80
C GLY C 40 -25.67 26.63 -8.76
N VAL C 41 -26.15 27.10 -7.61
CA VAL C 41 -27.53 27.60 -7.37
C VAL C 41 -27.48 29.12 -7.29
N CYS C 42 -28.15 29.79 -8.22
CA CYS C 42 -28.06 31.24 -8.49
C CYS C 42 -29.38 31.94 -8.13
N HIS C 43 -29.37 33.24 -7.84
CA HIS C 43 -30.63 34.01 -7.65
C HIS C 43 -31.41 34.04 -8.97
N THR C 44 -30.72 33.89 -10.10
CA THR C 44 -31.35 33.77 -11.44
C THR C 44 -32.20 32.48 -11.46
N ASP C 45 -31.68 31.37 -10.91
CA ASP C 45 -32.39 30.07 -10.80
C ASP C 45 -33.59 30.23 -9.87
N LEU C 46 -33.38 30.83 -8.69
CA LEU C 46 -34.49 31.13 -7.74
C LEU C 46 -35.50 32.04 -8.43
N GLY C 47 -35.05 32.94 -9.31
CA GLY C 47 -35.94 33.82 -10.08
C GLY C 47 -36.92 33.01 -10.91
N TYR C 48 -36.41 32.15 -11.79
CA TYR C 48 -37.18 31.26 -12.68
C TYR C 48 -38.22 30.46 -11.87
N TYR C 49 -37.84 29.98 -10.69
CA TYR C 49 -38.60 28.97 -9.92
C TYR C 49 -39.59 29.66 -8.96
N TYR C 50 -39.16 30.66 -8.21
CA TYR C 50 -39.94 31.26 -7.09
C TYR C 50 -40.64 32.57 -7.52
N ASP C 51 -40.17 33.26 -8.57
CA ASP C 51 -40.71 34.57 -9.03
C ASP C 51 -41.27 34.47 -10.45
N SER C 52 -41.39 33.25 -10.99
CA SER C 52 -42.07 32.93 -12.27
C SER C 52 -41.50 33.74 -13.45
N VAL C 53 -40.18 33.94 -13.50
CA VAL C 53 -39.49 34.59 -14.67
C VAL C 53 -39.50 33.59 -15.85
N ARG C 54 -39.89 34.06 -17.03
CA ARG C 54 -40.05 33.18 -18.22
C ARG C 54 -38.67 32.61 -18.61
N THR C 55 -38.62 31.30 -18.84
CA THR C 55 -37.47 30.63 -19.51
C THR C 55 -37.72 30.67 -21.02
N ASN C 56 -36.67 30.67 -21.83
CA ASN C 56 -36.75 30.68 -23.31
C ASN C 56 -37.23 29.31 -23.80
N HIS C 57 -36.73 28.23 -23.22
CA HIS C 57 -37.17 26.84 -23.49
C HIS C 57 -38.45 26.60 -22.68
N ALA C 58 -39.45 25.97 -23.29
CA ALA C 58 -40.74 25.69 -22.63
C ALA C 58 -40.48 24.66 -21.53
N LEU C 59 -41.38 24.57 -20.55
CA LEU C 59 -41.32 23.60 -19.42
C LEU C 59 -41.80 22.25 -19.93
N PRO C 60 -41.38 21.10 -19.36
CA PRO C 60 -40.43 21.08 -18.25
C PRO C 60 -38.96 21.29 -18.66
N LEU C 61 -38.17 21.88 -17.76
CA LEU C 61 -36.75 22.26 -17.98
C LEU C 61 -35.94 22.03 -16.72
N ALA C 62 -34.81 21.35 -16.84
CA ALA C 62 -33.72 21.33 -15.84
C ALA C 62 -33.03 22.70 -15.84
N LEU C 63 -33.08 23.39 -14.69
CA LEU C 63 -32.39 24.68 -14.44
C LEU C 63 -30.89 24.41 -14.23
N GLY C 64 -30.13 25.48 -13.94
CA GLY C 64 -28.69 25.36 -13.62
C GLY C 64 -27.83 25.77 -14.79
N HIS C 65 -27.10 26.88 -14.63
CA HIS C 65 -26.22 27.47 -15.67
C HIS C 65 -24.77 27.59 -15.18
N GLU C 66 -24.54 27.28 -13.90
CA GLU C 66 -23.19 27.40 -13.29
C GLU C 66 -22.56 26.00 -13.26
N ILE C 67 -22.05 25.51 -14.40
CA ILE C 67 -21.70 24.06 -14.61
C ILE C 67 -20.21 23.84 -14.79
N SER C 68 -19.65 22.89 -14.03
CA SER C 68 -18.37 22.22 -14.35
C SER C 68 -18.62 20.71 -14.51
N GLY C 69 -17.68 20.04 -15.19
CA GLY C 69 -17.72 18.59 -15.41
C GLY C 69 -16.67 18.15 -16.41
N ARG C 70 -16.90 17.01 -17.05
CA ARG C 70 -15.91 16.36 -17.94
C ARG C 70 -16.59 15.97 -19.25
N VAL C 71 -15.97 16.32 -20.38
CA VAL C 71 -16.43 15.85 -21.72
C VAL C 71 -16.23 14.34 -21.77
N VAL C 72 -17.32 13.57 -21.92
CA VAL C 72 -17.34 12.07 -21.92
C VAL C 72 -17.76 11.57 -23.31
N GLN C 73 -18.22 12.47 -24.19
CA GLN C 73 -18.85 12.14 -25.50
C GLN C 73 -18.75 13.39 -26.37
N ALA C 74 -18.48 13.25 -27.67
CA ALA C 74 -18.24 14.38 -28.59
C ALA C 74 -18.77 14.08 -30.00
N GLY C 75 -19.40 15.06 -30.63
CA GLY C 75 -19.68 15.07 -32.08
C GLY C 75 -18.38 14.91 -32.87
N ALA C 76 -18.46 14.88 -34.20
CA ALA C 76 -17.33 14.52 -35.10
C ALA C 76 -16.21 15.57 -35.06
N ASN C 77 -16.54 16.86 -34.89
CA ASN C 77 -15.57 17.99 -34.92
C ASN C 77 -15.22 18.45 -33.50
N ALA C 78 -15.30 17.57 -32.50
CA ALA C 78 -15.09 17.89 -31.07
C ALA C 78 -14.34 16.77 -30.33
N ALA C 79 -13.77 15.80 -31.03
CA ALA C 79 -13.03 14.65 -30.45
C ALA C 79 -11.93 15.13 -29.49
N GLN C 80 -11.22 16.19 -29.89
CA GLN C 80 -10.15 16.88 -29.11
C GLN C 80 -10.58 17.13 -27.65
N TRP C 81 -11.89 17.22 -27.37
CA TRP C 81 -12.41 17.62 -26.03
C TRP C 81 -12.55 16.42 -25.08
N LEU C 82 -12.55 15.18 -25.61
CA LEU C 82 -12.82 13.96 -24.82
C LEU C 82 -11.86 13.87 -23.62
N GLY C 83 -12.41 13.78 -22.41
CA GLY C 83 -11.64 13.52 -21.18
C GLY C 83 -11.18 14.81 -20.53
N ARG C 84 -11.21 15.94 -21.25
CA ARG C 84 -10.80 17.25 -20.69
C ARG C 84 -11.88 17.69 -19.67
N ALA C 85 -11.44 18.12 -18.49
CA ALA C 85 -12.29 18.78 -17.47
C ALA C 85 -12.59 20.20 -17.95
N VAL C 86 -13.87 20.62 -17.89
CA VAL C 86 -14.29 21.91 -18.47
C VAL C 86 -15.16 22.67 -17.47
N ILE C 87 -15.20 23.98 -17.66
CA ILE C 87 -16.30 24.87 -17.19
C ILE C 87 -17.13 25.23 -18.41
N VAL C 88 -18.46 25.06 -18.30
CA VAL C 88 -19.41 25.43 -19.38
C VAL C 88 -19.77 26.90 -19.18
N PRO C 89 -19.59 27.75 -20.23
CA PRO C 89 -20.03 29.13 -20.18
C PRO C 89 -21.53 29.25 -19.90
N ALA C 90 -21.90 30.06 -18.92
CA ALA C 90 -23.31 30.29 -18.51
C ALA C 90 -24.11 30.76 -19.71
N VAL C 91 -23.49 31.49 -20.64
CA VAL C 91 -24.12 32.01 -21.90
C VAL C 91 -23.09 31.91 -23.02
N MET C 92 -23.43 31.24 -24.14
CA MET C 92 -22.48 30.92 -25.24
C MET C 92 -22.93 31.59 -26.54
N PRO C 93 -22.26 32.68 -26.96
CA PRO C 93 -22.48 33.29 -28.27
C PRO C 93 -22.15 32.35 -29.43
N CYS C 94 -22.68 32.67 -30.66
CA CYS C 94 -22.50 31.95 -31.99
C CYS C 94 -21.03 31.81 -32.34
N GLY C 95 -20.25 32.81 -32.01
CA GLY C 95 -18.81 32.92 -32.36
C GLY C 95 -18.60 33.20 -33.84
N THR C 96 -19.65 33.25 -34.66
CA THR C 96 -19.53 33.24 -36.15
C THR C 96 -20.29 34.41 -36.81
N CYS C 97 -21.25 35.07 -36.12
CA CYS C 97 -21.97 36.21 -36.76
C CYS C 97 -21.13 37.48 -36.68
N GLU C 98 -21.64 38.54 -37.29
CA GLU C 98 -21.04 39.90 -37.30
C GLU C 98 -20.92 40.44 -35.87
N LEU C 99 -21.94 40.28 -35.02
CA LEU C 99 -21.92 40.77 -33.61
C LEU C 99 -20.79 40.07 -32.85
N CYS C 100 -20.76 38.73 -32.90
CA CYS C 100 -19.76 37.90 -32.17
C CYS C 100 -18.36 38.28 -32.70
N THR C 101 -18.22 38.47 -34.02
CA THR C 101 -16.91 38.62 -34.71
C THR C 101 -16.42 40.08 -34.60
N SER C 102 -17.29 41.01 -34.19
CA SER C 102 -16.93 42.44 -33.99
C SER C 102 -16.77 42.75 -32.50
N GLY C 103 -16.69 41.73 -31.64
CA GLY C 103 -16.50 41.89 -30.19
C GLY C 103 -17.78 42.15 -29.41
N HIS C 104 -18.96 42.00 -30.02
CA HIS C 104 -20.30 42.22 -29.38
C HIS C 104 -21.00 40.89 -29.08
N GLY C 105 -20.24 39.83 -28.78
CA GLY C 105 -20.77 38.51 -28.36
C GLY C 105 -21.86 38.59 -27.28
N THR C 106 -21.80 39.53 -26.34
CA THR C 106 -22.79 39.63 -25.24
C THR C 106 -24.20 39.87 -25.80
N ILE C 107 -24.33 40.36 -27.04
CA ILE C 107 -25.67 40.62 -27.65
C ILE C 107 -25.88 39.74 -28.89
N CYS C 108 -25.12 38.64 -29.06
CA CYS C 108 -25.39 37.61 -30.10
C CYS C 108 -26.88 37.29 -30.00
N ARG C 109 -27.55 37.19 -31.14
CA ARG C 109 -29.01 36.90 -31.14
C ARG C 109 -29.20 35.39 -30.97
N ASP C 110 -28.11 34.63 -31.16
CA ASP C 110 -28.05 33.13 -31.19
C ASP C 110 -27.19 32.63 -30.02
N GLN C 111 -27.24 33.29 -28.86
CA GLN C 111 -26.52 32.87 -27.64
C GLN C 111 -27.38 31.81 -26.93
N VAL C 112 -26.75 30.79 -26.35
CA VAL C 112 -27.45 29.69 -25.66
C VAL C 112 -26.97 29.64 -24.20
N MET C 113 -27.91 29.70 -23.28
CA MET C 113 -27.70 29.58 -21.81
C MET C 113 -28.27 28.25 -21.32
N PRO C 114 -27.44 27.32 -20.80
CA PRO C 114 -27.98 26.14 -20.15
C PRO C 114 -28.98 26.54 -19.05
N GLY C 115 -30.01 25.73 -18.83
CA GLY C 115 -31.02 25.95 -17.79
C GLY C 115 -31.84 27.19 -18.05
N ASN C 116 -32.05 27.48 -19.34
CA ASN C 116 -32.90 28.60 -19.83
C ASN C 116 -33.24 28.38 -21.31
N ASP C 117 -32.24 28.37 -22.20
CA ASP C 117 -32.39 28.09 -23.66
C ASP C 117 -32.35 26.58 -23.90
N ILE C 118 -31.53 25.84 -23.16
CA ILE C 118 -31.39 24.37 -23.32
C ILE C 118 -31.44 23.73 -21.94
N GLN C 119 -31.58 22.40 -21.88
CA GLN C 119 -31.62 21.65 -20.61
C GLN C 119 -30.35 22.00 -19.83
N GLY C 120 -30.48 22.19 -18.52
CA GLY C 120 -29.42 22.72 -17.62
C GLY C 120 -28.64 21.65 -16.88
N GLY C 121 -27.98 22.06 -15.80
CA GLY C 121 -26.87 21.31 -15.18
C GLY C 121 -27.26 20.64 -13.88
N PHE C 122 -28.49 20.84 -13.40
CA PHE C 122 -29.07 20.06 -12.27
C PHE C 122 -29.39 18.66 -12.84
N ALA C 123 -28.34 17.88 -13.10
CA ALA C 123 -28.37 16.65 -13.91
C ALA C 123 -27.03 15.92 -13.80
N SER C 124 -27.02 14.62 -14.04
CA SER C 124 -25.81 13.77 -14.18
C SER C 124 -25.02 14.27 -15.38
N HIS C 125 -25.75 14.62 -16.45
CA HIS C 125 -25.19 14.90 -17.79
C HIS C 125 -25.92 16.11 -18.37
N VAL C 126 -25.24 16.84 -19.24
CA VAL C 126 -25.84 17.97 -20.01
C VAL C 126 -25.18 17.99 -21.40
N VAL C 127 -25.99 18.16 -22.44
CA VAL C 127 -25.51 18.33 -23.85
C VAL C 127 -25.38 19.83 -24.13
N VAL C 128 -24.20 20.25 -24.59
CA VAL C 128 -23.88 21.68 -24.86
C VAL C 128 -23.00 21.76 -26.10
N PRO C 129 -22.99 22.93 -26.78
CA PRO C 129 -22.01 23.22 -27.82
C PRO C 129 -20.60 23.22 -27.25
N ALA C 130 -19.58 22.91 -28.07
CA ALA C 130 -18.16 22.79 -27.64
C ALA C 130 -17.46 24.14 -27.78
N ARG C 131 -18.05 25.08 -28.53
CA ARG C 131 -17.46 26.43 -28.73
C ARG C 131 -17.55 27.17 -27.39
N GLY C 132 -16.40 27.64 -26.89
CA GLY C 132 -16.30 28.48 -25.68
C GLY C 132 -16.10 27.67 -24.41
N LEU C 133 -16.10 26.33 -24.49
CA LEU C 133 -15.77 25.47 -23.33
C LEU C 133 -14.42 25.92 -22.77
N CYS C 134 -14.35 26.03 -21.45
CA CYS C 134 -13.14 26.50 -20.73
C CYS C 134 -12.32 25.31 -20.21
N PRO C 135 -11.13 25.02 -20.78
CA PRO C 135 -10.33 23.90 -20.29
C PRO C 135 -9.87 24.15 -18.84
N VAL C 136 -9.87 23.11 -18.00
CA VAL C 136 -9.42 23.19 -16.57
C VAL C 136 -8.16 22.34 -16.41
N ASP C 137 -7.05 22.97 -16.01
CA ASP C 137 -5.79 22.30 -15.60
C ASP C 137 -6.04 21.63 -14.25
N GLU C 138 -6.16 20.29 -14.23
CA GLU C 138 -6.54 19.50 -13.04
C GLU C 138 -5.36 19.42 -12.06
N ALA C 139 -4.14 19.33 -12.58
CA ALA C 139 -2.87 19.43 -11.82
C ALA C 139 -2.92 20.70 -10.96
N ARG C 140 -3.17 21.87 -11.59
CA ARG C 140 -3.19 23.19 -10.90
C ARG C 140 -4.43 23.28 -9.99
N LEU C 141 -5.55 22.68 -10.41
CA LEU C 141 -6.82 22.60 -9.64
C LEU C 141 -6.52 21.95 -8.29
N ALA C 142 -5.90 20.76 -8.34
CA ALA C 142 -5.51 19.96 -7.16
C ALA C 142 -4.60 20.80 -6.26
N ALA C 143 -3.52 21.35 -6.84
CA ALA C 143 -2.51 22.17 -6.13
C ALA C 143 -3.16 23.37 -5.40
N ALA C 144 -4.30 23.88 -5.86
CA ALA C 144 -5.04 24.98 -5.20
C ALA C 144 -5.99 24.42 -4.13
N GLY C 145 -6.06 23.09 -4.01
CA GLY C 145 -6.83 22.35 -3.01
C GLY C 145 -8.32 22.31 -3.34
N LEU C 146 -8.66 22.11 -4.62
CA LEU C 146 -10.05 22.24 -5.15
C LEU C 146 -10.41 21.00 -5.98
N GLN C 147 -11.67 20.59 -5.91
CA GLN C 147 -12.26 19.55 -6.81
C GLN C 147 -12.91 20.24 -8.00
N LEU C 148 -13.02 19.53 -9.12
CA LEU C 148 -13.70 19.99 -10.35
C LEU C 148 -15.08 20.59 -10.05
N ALA C 149 -15.85 20.03 -9.12
CA ALA C 149 -17.23 20.50 -8.80
C ALA C 149 -17.20 21.94 -8.26
N ASP C 150 -16.10 22.33 -7.62
CA ASP C 150 -15.97 23.63 -6.89
C ASP C 150 -15.93 24.80 -7.90
N VAL C 151 -15.33 24.61 -9.08
CA VAL C 151 -15.11 25.68 -10.10
C VAL C 151 -16.36 25.81 -11.00
N SER C 152 -17.42 25.08 -10.69
CA SER C 152 -18.75 25.23 -11.35
C SER C 152 -19.18 26.69 -11.29
N VAL C 153 -19.05 27.32 -10.12
CA VAL C 153 -19.54 28.70 -9.83
C VAL C 153 -18.64 29.73 -10.52
N VAL C 154 -17.52 29.35 -11.12
CA VAL C 154 -16.70 30.27 -11.96
C VAL C 154 -17.64 30.85 -13.03
N ALA C 155 -18.47 30.02 -13.63
CA ALA C 155 -19.53 30.43 -14.57
C ALA C 155 -20.53 31.35 -13.85
N ASP C 156 -20.80 32.51 -14.45
CA ASP C 156 -21.68 33.58 -13.95
C ASP C 156 -21.05 34.24 -12.71
N ALA C 157 -21.04 33.57 -11.56
CA ALA C 157 -20.72 34.18 -10.23
C ALA C 157 -19.34 34.84 -10.25
N VAL C 158 -18.34 34.22 -10.88
CA VAL C 158 -16.97 34.82 -11.01
C VAL C 158 -16.90 35.63 -12.30
N THR C 159 -17.31 35.06 -13.43
CA THR C 159 -17.10 35.64 -14.78
C THR C 159 -17.87 36.95 -14.92
N THR C 160 -19.06 37.06 -14.34
CA THR C 160 -19.92 38.26 -14.48
C THR C 160 -19.16 39.46 -13.89
N PRO C 161 -18.79 39.45 -12.60
CA PRO C 161 -17.97 40.52 -12.06
C PRO C 161 -16.62 40.64 -12.78
N TYR C 162 -16.06 39.53 -13.28
CA TYR C 162 -14.77 39.58 -14.01
C TYR C 162 -14.91 40.47 -15.25
N GLN C 163 -15.99 40.30 -16.02
CA GLN C 163 -16.28 41.14 -17.20
C GLN C 163 -16.40 42.59 -16.71
N ALA C 164 -17.12 42.84 -15.61
CA ALA C 164 -17.38 44.21 -15.12
C ALA C 164 -16.05 44.90 -14.82
N VAL C 165 -15.11 44.17 -14.20
CA VAL C 165 -13.79 44.70 -13.73
C VAL C 165 -12.88 44.92 -14.95
N LEU C 166 -12.85 43.99 -15.88
CA LEU C 166 -12.03 44.10 -17.10
C LEU C 166 -12.45 45.34 -17.88
N GLN C 167 -13.76 45.50 -18.12
CA GLN C 167 -14.41 46.67 -18.79
C GLN C 167 -14.00 47.97 -18.09
N ALA C 168 -13.97 47.96 -16.77
CA ALA C 168 -13.79 49.18 -15.93
C ALA C 168 -12.33 49.60 -15.97
N GLY C 169 -11.44 48.67 -16.33
CA GLY C 169 -10.00 49.00 -16.44
C GLY C 169 -9.36 49.21 -15.09
N VAL C 170 -9.85 48.52 -14.07
CA VAL C 170 -9.21 48.62 -12.72
C VAL C 170 -7.70 48.43 -12.93
N GLU C 171 -6.90 49.30 -12.32
CA GLU C 171 -5.44 49.23 -12.51
C GLU C 171 -4.74 49.59 -11.20
N PRO C 172 -3.51 49.08 -10.98
CA PRO C 172 -2.80 49.34 -9.73
C PRO C 172 -2.89 50.82 -9.36
N GLY C 173 -3.13 51.10 -8.08
CA GLY C 173 -3.24 52.50 -7.63
C GLY C 173 -4.70 52.89 -7.56
N ASP C 174 -5.57 52.08 -8.14
CA ASP C 174 -7.01 52.47 -8.21
C ASP C 174 -7.69 52.28 -6.87
N VAL C 175 -8.69 53.09 -6.58
CA VAL C 175 -9.51 52.88 -5.37
C VAL C 175 -10.80 52.26 -5.87
N ALA C 176 -11.12 51.04 -5.44
CA ALA C 176 -12.32 50.36 -5.97
C ALA C 176 -13.40 50.34 -4.90
N VAL C 177 -14.64 50.63 -5.28
CA VAL C 177 -15.75 50.51 -4.31
C VAL C 177 -16.75 49.51 -4.88
N VAL C 178 -17.12 48.46 -4.12
CA VAL C 178 -18.21 47.54 -4.53
C VAL C 178 -19.33 47.65 -3.50
N ILE C 179 -20.54 47.95 -3.99
CA ILE C 179 -21.78 48.12 -3.20
C ILE C 179 -22.60 46.86 -3.37
N GLY C 180 -22.92 46.20 -2.25
CA GLY C 180 -23.56 44.87 -2.24
C GLY C 180 -22.52 43.80 -2.53
N VAL C 181 -22.08 43.10 -1.50
CA VAL C 181 -20.80 42.34 -1.55
C VAL C 181 -21.13 40.88 -1.26
N GLY C 182 -22.33 40.46 -1.63
CA GLY C 182 -22.73 39.05 -1.69
C GLY C 182 -22.74 38.55 -3.13
N GLY C 183 -22.44 37.26 -3.31
CA GLY C 183 -22.69 36.50 -4.56
C GLY C 183 -21.72 36.94 -5.64
N VAL C 184 -22.23 37.78 -6.54
CA VAL C 184 -21.46 38.51 -7.58
C VAL C 184 -20.50 39.52 -6.91
N GLY C 185 -21.03 40.37 -6.03
CA GLY C 185 -20.28 41.45 -5.35
C GLY C 185 -19.01 40.95 -4.68
N GLY C 186 -19.09 39.84 -3.93
CA GLY C 186 -17.93 39.28 -3.22
C GLY C 186 -16.78 39.02 -4.17
N TYR C 187 -17.05 38.43 -5.33
CA TYR C 187 -16.00 38.13 -6.34
C TYR C 187 -15.59 39.45 -7.03
N ALA C 188 -16.49 40.44 -7.09
CA ALA C 188 -16.14 41.79 -7.59
C ALA C 188 -15.01 42.34 -6.71
N VAL C 189 -15.17 42.27 -5.39
CA VAL C 189 -14.13 42.70 -4.41
C VAL C 189 -12.84 41.94 -4.68
N GLN C 190 -12.91 40.61 -4.74
CA GLN C 190 -11.72 39.73 -4.84
C GLN C 190 -11.00 40.02 -6.16
N ILE C 191 -11.73 40.27 -7.24
CA ILE C 191 -11.11 40.41 -8.59
C ILE C 191 -10.52 41.83 -8.73
N ALA C 192 -11.27 42.85 -8.30
CA ALA C 192 -10.76 44.25 -8.26
C ALA C 192 -9.39 44.21 -7.57
N ASN C 193 -9.37 43.60 -6.39
CA ASN C 193 -8.16 43.48 -5.52
C ASN C 193 -7.03 42.77 -6.29
N ALA C 194 -7.33 41.66 -6.95
CA ALA C 194 -6.36 40.88 -7.75
C ALA C 194 -5.78 41.74 -8.87
N PHE C 195 -6.54 42.72 -9.36
CA PHE C 195 -6.15 43.61 -10.49
C PHE C 195 -5.31 44.79 -9.95
N GLY C 196 -5.24 44.98 -8.63
CA GLY C 196 -4.31 45.91 -7.98
C GLY C 196 -4.99 47.04 -7.23
N ALA C 197 -6.31 46.99 -7.06
CA ALA C 197 -6.99 48.14 -6.44
C ALA C 197 -7.18 47.97 -4.95
N SER C 198 -7.13 49.06 -4.18
CA SER C 198 -7.51 48.97 -2.76
C SER C 198 -9.03 48.96 -2.78
N VAL C 199 -9.65 47.92 -2.25
CA VAL C 199 -11.12 47.78 -2.40
C VAL C 199 -11.82 48.19 -1.12
N VAL C 200 -12.74 49.14 -1.22
CA VAL C 200 -13.77 49.44 -0.17
C VAL C 200 -14.99 48.56 -0.45
N ALA C 201 -15.40 47.72 0.51
CA ALA C 201 -16.63 46.92 0.48
C ALA C 201 -17.75 47.66 1.22
N ILE C 202 -18.95 47.71 0.66
CA ILE C 202 -20.14 48.32 1.33
C ILE C 202 -21.30 47.31 1.27
N ASP C 203 -22.00 47.14 2.39
CA ASP C 203 -23.17 46.23 2.48
C ASP C 203 -24.05 46.64 3.67
N VAL C 204 -25.20 45.97 3.82
CA VAL C 204 -26.16 46.14 4.95
C VAL C 204 -25.99 44.99 5.96
N ASP C 205 -25.27 43.93 5.58
CA ASP C 205 -25.02 42.71 6.40
C ASP C 205 -23.58 42.70 6.89
N PRO C 206 -23.33 43.00 8.19
CA PRO C 206 -21.96 43.12 8.70
C PRO C 206 -21.16 41.80 8.69
N ALA C 207 -21.83 40.66 8.48
CA ALA C 207 -21.21 39.32 8.39
C ALA C 207 -20.47 39.19 7.05
N LYS C 208 -21.07 39.67 5.96
CA LYS C 208 -20.45 39.63 4.62
C LYS C 208 -19.29 40.62 4.61
N LEU C 209 -19.45 41.78 5.29
CA LEU C 209 -18.37 42.78 5.42
C LEU C 209 -17.20 42.13 6.17
N GLU C 210 -17.45 41.58 7.38
CA GLU C 210 -16.45 40.82 8.19
C GLU C 210 -15.74 39.81 7.29
N MET C 211 -16.50 39.04 6.50
CA MET C 211 -15.99 37.95 5.62
C MET C 211 -15.03 38.52 4.56
N MET C 212 -15.36 39.67 3.96
CA MET C 212 -14.60 40.24 2.81
C MET C 212 -13.30 40.91 3.30
N SER C 213 -13.27 41.38 4.56
CA SER C 213 -12.06 41.86 5.27
C SER C 213 -10.90 40.90 5.06
N LYS C 214 -11.18 39.59 5.08
CA LYS C 214 -10.15 38.52 4.97
C LYS C 214 -9.83 38.21 3.50
N HIS C 215 -10.58 38.78 2.54
CA HIS C 215 -10.56 38.32 1.12
C HIS C 215 -10.43 39.47 0.12
N GLY C 216 -9.88 40.63 0.52
CA GLY C 216 -9.41 41.67 -0.41
C GLY C 216 -10.06 43.03 -0.15
N ALA C 217 -11.00 43.12 0.79
CA ALA C 217 -11.62 44.40 1.19
C ALA C 217 -10.69 45.05 2.23
N ALA C 218 -9.91 46.05 1.80
CA ALA C 218 -8.94 46.79 2.64
C ALA C 218 -9.70 47.79 3.55
N LEU C 219 -10.96 48.10 3.24
CA LEU C 219 -11.85 48.92 4.10
C LEU C 219 -13.26 48.34 3.96
N THR C 220 -14.07 48.35 5.01
CA THR C 220 -15.49 47.91 4.97
C THR C 220 -16.36 48.97 5.65
N LEU C 221 -17.59 49.13 5.18
CA LEU C 221 -18.55 50.15 5.69
C LEU C 221 -19.95 49.55 5.63
N ASN C 222 -20.70 49.65 6.73
CA ASN C 222 -22.14 49.26 6.77
C ASN C 222 -22.94 50.44 6.22
N ALA C 223 -23.75 50.22 5.19
CA ALA C 223 -24.52 51.28 4.48
C ALA C 223 -25.65 51.80 5.37
N ARG C 224 -26.10 51.00 6.37
CA ARG C 224 -27.13 51.42 7.36
C ARG C 224 -26.51 52.43 8.36
N GLU C 225 -25.23 52.27 8.70
CA GLU C 225 -24.51 53.09 9.72
C GLU C 225 -23.92 54.36 9.08
N ILE C 226 -23.18 54.25 7.97
CA ILE C 226 -22.49 55.41 7.32
C ILE C 226 -23.34 55.90 6.13
N SER C 227 -23.75 57.18 6.14
CA SER C 227 -24.64 57.81 5.13
C SER C 227 -23.80 58.32 3.95
N GLY C 228 -24.45 58.93 2.94
CA GLY C 228 -23.86 59.41 1.67
C GLY C 228 -22.72 60.40 1.88
N ARG C 229 -23.01 61.59 2.42
CA ARG C 229 -22.00 62.67 2.69
C ARG C 229 -20.73 62.07 3.31
N ASP C 230 -20.88 61.36 4.44
CA ASP C 230 -19.76 60.80 5.24
C ASP C 230 -19.04 59.70 4.45
N LEU C 231 -19.78 58.96 3.62
CA LEU C 231 -19.30 57.79 2.84
C LEU C 231 -18.20 58.23 1.86
N LYS C 232 -18.43 59.36 1.18
CA LYS C 232 -17.46 60.01 0.25
C LYS C 232 -16.20 60.38 1.06
N LYS C 233 -16.39 61.17 2.13
CA LYS C 233 -15.28 61.63 3.01
C LYS C 233 -14.44 60.41 3.42
N ALA C 234 -15.09 59.33 3.87
CA ALA C 234 -14.41 58.12 4.42
C ALA C 234 -13.58 57.40 3.35
N ILE C 235 -14.02 57.41 2.08
CA ILE C 235 -13.25 56.75 0.99
C ILE C 235 -12.13 57.70 0.56
N GLU C 236 -12.40 59.02 0.49
CA GLU C 236 -11.38 60.07 0.26
C GLU C 236 -10.28 59.89 1.33
N ALA C 237 -10.68 59.73 2.59
CA ALA C 237 -9.79 59.49 3.75
C ALA C 237 -8.91 58.26 3.48
N HIS C 238 -9.53 57.14 3.11
CA HIS C 238 -8.82 55.86 2.84
C HIS C 238 -7.76 56.11 1.76
N ALA C 239 -8.12 56.84 0.71
CA ALA C 239 -7.26 57.11 -0.49
C ALA C 239 -6.05 57.97 -0.07
N LYS C 240 -6.32 59.07 0.63
CA LYS C 240 -5.33 60.08 1.09
C LYS C 240 -4.32 59.37 2.01
N ALA C 241 -4.83 58.64 3.02
CA ALA C 241 -4.05 57.92 4.05
C ALA C 241 -3.18 56.81 3.44
N ASN C 242 -3.48 56.32 2.23
CA ASN C 242 -2.72 55.18 1.63
C ASN C 242 -1.99 55.60 0.34
N GLY C 243 -2.01 56.89 -0.02
CA GLY C 243 -1.40 57.40 -1.26
C GLY C 243 -2.03 56.78 -2.49
N LEU C 244 -3.37 56.71 -2.49
CA LEU C 244 -4.10 56.09 -3.63
C LEU C 244 -4.55 57.19 -4.59
N ARG C 245 -5.47 56.85 -5.52
CA ARG C 245 -5.91 57.82 -6.55
C ARG C 245 -7.17 58.55 -6.08
N LEU C 246 -7.17 59.88 -6.17
CA LEU C 246 -8.41 60.67 -5.85
C LEU C 246 -9.30 60.73 -7.10
N THR C 247 -8.79 60.26 -8.24
CA THR C 247 -9.51 60.20 -9.54
C THR C 247 -9.69 58.74 -9.98
N ARG C 248 -10.44 58.51 -11.07
CA ARG C 248 -10.54 57.18 -11.70
C ARG C 248 -11.01 56.07 -10.76
N TRP C 249 -11.86 56.40 -9.80
CA TRP C 249 -12.44 55.38 -8.88
C TRP C 249 -13.27 54.40 -9.70
N LYS C 250 -13.08 53.11 -9.41
CA LYS C 250 -13.86 52.03 -10.06
C LYS C 250 -14.94 51.60 -9.07
N ILE C 251 -16.18 52.03 -9.31
CA ILE C 251 -17.36 51.76 -8.45
C ILE C 251 -18.22 50.66 -9.10
N PHE C 252 -18.39 49.51 -8.43
CA PHE C 252 -19.22 48.37 -8.90
C PHE C 252 -20.50 48.30 -8.07
N GLU C 253 -21.66 48.56 -8.69
CA GLU C 253 -22.99 48.42 -8.06
C GLU C 253 -23.45 46.96 -8.26
N CYS C 254 -23.39 46.16 -7.19
CA CYS C 254 -23.67 44.70 -7.23
C CYS C 254 -24.81 44.33 -6.27
N SER C 255 -25.59 45.30 -5.81
CA SER C 255 -26.75 45.09 -4.90
C SER C 255 -28.02 44.71 -5.70
N GLY C 256 -28.26 45.35 -6.82
CA GLY C 256 -29.49 45.15 -7.61
C GLY C 256 -30.68 45.81 -6.93
N THR C 257 -30.43 46.94 -6.27
CA THR C 257 -31.44 47.73 -5.49
C THR C 257 -31.23 49.21 -5.78
N GLY C 258 -32.31 49.99 -5.85
CA GLY C 258 -32.26 51.44 -6.12
C GLY C 258 -31.38 52.17 -5.11
N ALA C 259 -31.42 51.74 -3.85
CA ALA C 259 -30.62 52.32 -2.76
C ALA C 259 -29.13 52.23 -3.12
N GLY C 260 -28.68 51.01 -3.44
CA GLY C 260 -27.30 50.72 -3.86
C GLY C 260 -26.89 51.58 -5.04
N GLN C 261 -27.75 51.66 -6.07
CA GLN C 261 -27.48 52.43 -7.31
C GLN C 261 -27.30 53.92 -6.94
N THR C 262 -28.23 54.48 -6.18
CA THR C 262 -28.21 55.90 -5.74
C THR C 262 -26.90 56.17 -4.99
N SER C 263 -26.51 55.24 -4.12
CA SER C 263 -25.30 55.36 -3.28
C SER C 263 -24.06 55.40 -4.18
N ALA C 264 -23.95 54.42 -5.08
CA ALA C 264 -22.82 54.21 -6.03
C ALA C 264 -22.67 55.45 -6.92
N TYR C 265 -23.78 55.90 -7.51
CA TYR C 265 -23.79 57.09 -8.41
C TYR C 265 -23.27 58.32 -7.65
N GLY C 266 -23.62 58.44 -6.36
CA GLY C 266 -23.20 59.54 -5.49
C GLY C 266 -21.68 59.56 -5.27
N LEU C 267 -21.01 58.44 -5.51
CA LEU C 267 -19.55 58.28 -5.29
C LEU C 267 -18.75 58.66 -6.54
N LEU C 268 -19.41 59.03 -7.63
CA LEU C 268 -18.70 59.44 -8.88
C LEU C 268 -17.70 60.57 -8.60
N THR C 269 -16.52 60.50 -9.23
CA THR C 269 -15.50 61.57 -9.20
C THR C 269 -14.83 61.66 -10.58
N HIS C 270 -13.95 62.64 -10.75
CA HIS C 270 -13.23 62.93 -12.02
C HIS C 270 -12.65 61.61 -12.57
N GLY C 271 -13.09 61.21 -13.77
CA GLY C 271 -12.58 60.04 -14.51
C GLY C 271 -13.10 58.71 -13.97
N ALA C 272 -14.10 58.73 -13.09
CA ALA C 272 -14.65 57.52 -12.42
C ALA C 272 -15.37 56.65 -13.45
N THR C 273 -15.38 55.34 -13.23
CA THR C 273 -16.22 54.34 -13.95
C THR C 273 -17.26 53.78 -12.97
N LEU C 274 -18.55 53.92 -13.25
CA LEU C 274 -19.61 53.20 -12.50
C LEU C 274 -20.00 51.96 -13.30
N ALA C 275 -19.65 50.76 -12.83
CA ALA C 275 -20.07 49.46 -13.43
C ALA C 275 -21.43 49.08 -12.87
N VAL C 276 -22.47 49.11 -13.70
CA VAL C 276 -23.87 48.67 -13.38
C VAL C 276 -23.98 47.17 -13.63
N VAL C 277 -23.95 46.38 -12.55
CA VAL C 277 -23.95 44.88 -12.63
C VAL C 277 -25.32 44.38 -12.14
N GLY C 278 -25.78 44.91 -11.01
CA GLY C 278 -27.07 44.56 -10.40
C GLY C 278 -28.24 45.03 -11.23
N PHE C 279 -29.31 44.23 -11.27
CA PHE C 279 -30.57 44.50 -12.01
C PHE C 279 -31.71 44.75 -11.02
N THR C 280 -32.41 45.86 -11.21
CA THR C 280 -33.70 46.20 -10.54
C THR C 280 -34.65 46.76 -11.61
N MET C 281 -35.96 46.71 -11.39
CA MET C 281 -36.95 47.41 -12.26
C MET C 281 -37.12 48.85 -11.76
N ASP C 282 -36.69 49.13 -10.53
CA ASP C 282 -36.78 50.48 -9.90
C ASP C 282 -36.13 51.55 -10.79
N LYS C 283 -36.78 52.69 -10.97
CA LYS C 283 -36.16 53.94 -11.46
C LYS C 283 -35.37 54.58 -10.30
N VAL C 284 -34.37 55.42 -10.58
CA VAL C 284 -33.64 56.24 -9.57
C VAL C 284 -33.46 57.68 -10.11
N GLU C 285 -33.53 58.66 -9.21
CA GLU C 285 -33.33 60.10 -9.50
C GLU C 285 -31.84 60.42 -9.28
N VAL C 286 -31.14 60.86 -10.33
CA VAL C 286 -29.68 61.20 -10.29
C VAL C 286 -29.40 62.42 -11.18
N ARG C 287 -28.36 63.20 -10.87
CA ARG C 287 -27.81 64.25 -11.76
C ARG C 287 -26.98 63.54 -12.85
N LEU C 288 -27.64 63.19 -13.96
CA LEU C 288 -27.04 62.46 -15.10
C LEU C 288 -25.84 63.25 -15.64
N SER C 289 -25.89 64.57 -15.54
CA SER C 289 -24.86 65.50 -16.08
C SER C 289 -23.55 65.35 -15.29
N ASN C 290 -23.58 64.80 -14.08
CA ASN C 290 -22.34 64.53 -13.31
C ASN C 290 -21.38 63.72 -14.17
N LEU C 291 -21.91 62.85 -15.04
CA LEU C 291 -21.10 62.08 -16.03
C LEU C 291 -20.27 63.05 -16.86
N MET C 292 -20.89 64.13 -17.36
CA MET C 292 -20.17 65.15 -18.18
C MET C 292 -19.22 65.94 -17.28
N ALA C 293 -19.68 66.34 -16.08
CA ALA C 293 -18.93 67.25 -15.17
C ALA C 293 -17.62 66.58 -14.73
N PHE C 294 -17.66 65.26 -14.47
CA PHE C 294 -16.49 64.48 -14.00
C PHE C 294 -15.77 63.81 -15.18
N HIS C 295 -16.25 63.95 -16.41
CA HIS C 295 -15.83 63.09 -17.57
C HIS C 295 -15.75 61.64 -17.08
N ALA C 296 -16.85 61.18 -16.48
CA ALA C 296 -17.04 59.80 -15.95
C ALA C 296 -17.91 58.98 -16.92
N ARG C 297 -18.01 57.69 -16.66
CA ARG C 297 -18.81 56.75 -17.48
C ARG C 297 -19.54 55.75 -16.57
N ALA C 298 -20.77 55.39 -16.96
CA ALA C 298 -21.57 54.27 -16.41
C ALA C 298 -21.58 53.13 -17.45
N LEU C 299 -21.03 51.97 -17.10
CA LEU C 299 -20.92 50.78 -17.99
C LEU C 299 -21.82 49.66 -17.47
N GLY C 300 -22.86 49.36 -18.23
CA GLY C 300 -23.61 48.11 -18.10
C GLY C 300 -22.77 46.91 -18.48
N ASN C 301 -23.19 45.76 -17.97
CA ASN C 301 -22.48 44.46 -18.12
C ASN C 301 -23.54 43.35 -18.11
N TRP C 302 -23.75 42.70 -19.27
CA TRP C 302 -24.60 41.49 -19.40
C TRP C 302 -23.72 40.23 -19.42
N GLY C 303 -23.62 39.52 -18.30
CA GLY C 303 -22.82 38.27 -18.21
C GLY C 303 -21.40 38.46 -18.72
N CYS C 304 -20.84 37.48 -19.45
CA CYS C 304 -19.39 37.47 -19.78
C CYS C 304 -19.11 36.63 -21.04
N LEU C 305 -18.34 37.19 -21.97
CA LEU C 305 -17.80 36.46 -23.14
C LEU C 305 -17.06 35.24 -22.64
N PRO C 306 -17.30 34.05 -23.22
CA PRO C 306 -16.53 32.84 -22.90
C PRO C 306 -15.01 33.06 -22.94
N GLU C 307 -14.55 33.87 -23.88
CA GLU C 307 -13.10 33.97 -24.17
C GLU C 307 -12.35 34.48 -22.92
N TYR C 308 -13.06 35.02 -21.92
CA TYR C 308 -12.46 35.53 -20.65
C TYR C 308 -12.50 34.48 -19.53
N TYR C 309 -13.15 33.33 -19.74
CA TYR C 309 -13.30 32.27 -18.70
C TYR C 309 -11.92 31.78 -18.27
N PRO C 310 -10.98 31.42 -19.16
CA PRO C 310 -9.64 30.99 -18.76
C PRO C 310 -8.92 31.91 -17.77
N ALA C 311 -8.98 33.22 -18.00
CA ALA C 311 -8.33 34.23 -17.13
C ALA C 311 -9.01 34.26 -15.76
N ALA C 312 -10.33 34.18 -15.72
CA ALA C 312 -11.13 34.17 -14.47
C ALA C 312 -10.71 32.93 -13.66
N LEU C 313 -10.66 31.77 -14.33
CA LEU C 313 -10.21 30.49 -13.74
C LEU C 313 -8.77 30.64 -13.23
N ASP C 314 -7.86 31.23 -14.03
CA ASP C 314 -6.45 31.41 -13.62
C ASP C 314 -6.38 32.18 -12.29
N LEU C 315 -7.31 33.09 -12.04
CA LEU C 315 -7.34 33.83 -10.74
C LEU C 315 -7.56 32.82 -9.60
N VAL C 316 -8.36 31.78 -9.83
CA VAL C 316 -8.73 30.74 -8.82
C VAL C 316 -7.56 29.77 -8.63
N LEU C 317 -7.05 29.25 -9.76
CA LEU C 317 -5.93 28.28 -9.82
C LEU C 317 -4.66 28.88 -9.20
N ASP C 318 -4.44 30.19 -9.37
CA ASP C 318 -3.22 30.89 -8.87
C ASP C 318 -3.51 31.51 -7.51
N LYS C 319 -4.64 31.14 -6.89
CA LYS C 319 -4.96 31.53 -5.49
C LYS C 319 -5.01 33.05 -5.34
N LYS C 320 -5.14 33.81 -6.44
CA LYS C 320 -5.30 35.31 -6.41
C LYS C 320 -6.72 35.64 -5.92
N ILE C 321 -7.67 34.70 -6.05
CA ILE C 321 -8.99 34.72 -5.35
C ILE C 321 -9.27 33.34 -4.73
N ASP C 322 -10.25 33.29 -3.83
CA ASP C 322 -10.69 32.10 -3.05
C ASP C 322 -12.12 31.75 -3.45
N LEU C 323 -12.34 30.53 -3.96
CA LEU C 323 -13.69 29.90 -4.09
C LEU C 323 -14.08 29.24 -2.77
N ALA C 324 -13.22 28.34 -2.28
CA ALA C 324 -13.47 27.36 -1.20
C ALA C 324 -14.22 27.97 -0.01
N SER C 325 -13.92 29.20 0.39
CA SER C 325 -14.51 29.83 1.59
C SER C 325 -15.95 30.32 1.31
N PHE C 326 -16.40 30.23 0.04
CA PHE C 326 -17.69 30.80 -0.43
C PHE C 326 -18.56 29.75 -1.11
N ILE C 327 -18.20 28.46 -0.97
CA ILE C 327 -18.69 27.31 -1.76
C ILE C 327 -19.06 26.18 -0.79
N GLU C 328 -20.25 25.60 -0.93
CA GLU C 328 -20.71 24.42 -0.14
C GLU C 328 -21.34 23.39 -1.08
N ARG C 329 -20.71 22.22 -1.18
CA ARG C 329 -21.23 21.09 -2.00
C ARG C 329 -22.46 20.52 -1.30
N HIS C 330 -23.49 20.17 -2.07
CA HIS C 330 -24.70 19.42 -1.62
C HIS C 330 -24.99 18.31 -2.62
N PRO C 331 -25.67 17.22 -2.21
CA PRO C 331 -26.08 16.18 -3.16
C PRO C 331 -27.19 16.76 -4.05
N LEU C 332 -27.10 16.54 -5.37
CA LEU C 332 -28.13 16.97 -6.35
C LEU C 332 -29.54 16.60 -5.85
N ASP C 333 -29.71 15.42 -5.23
CA ASP C 333 -31.04 14.92 -4.78
C ASP C 333 -31.64 15.84 -3.71
N GLN C 334 -30.85 16.78 -3.17
CA GLN C 334 -31.32 17.76 -2.16
C GLN C 334 -31.78 19.05 -2.84
N ILE C 335 -31.83 19.07 -4.17
CA ILE C 335 -32.19 20.30 -4.95
C ILE C 335 -33.38 21.02 -4.33
N GLY C 336 -34.39 20.28 -3.85
CA GLY C 336 -35.59 20.85 -3.22
C GLY C 336 -35.25 21.60 -1.94
N GLU C 337 -34.56 20.93 -1.00
CA GLU C 337 -34.25 21.48 0.35
C GLU C 337 -33.34 22.70 0.20
N VAL C 338 -32.40 22.67 -0.75
CA VAL C 338 -31.39 23.74 -1.00
C VAL C 338 -32.08 24.99 -1.56
N PHE C 339 -32.92 24.85 -2.58
CA PHE C 339 -33.68 26.00 -3.18
C PHE C 339 -34.46 26.71 -2.07
N ALA C 340 -35.19 25.93 -1.25
CA ALA C 340 -35.99 26.42 -0.10
C ALA C 340 -35.08 27.19 0.86
N ALA C 341 -33.95 26.59 1.24
CA ALA C 341 -32.95 27.16 2.18
C ALA C 341 -32.42 28.48 1.64
N ALA C 342 -32.21 28.58 0.32
CA ALA C 342 -31.60 29.75 -0.36
C ALA C 342 -32.64 30.86 -0.52
N HIS C 343 -33.91 30.51 -0.77
CA HIS C 343 -35.06 31.46 -0.83
C HIS C 343 -35.23 32.14 0.54
N ALA C 344 -35.12 31.36 1.62
CA ALA C 344 -35.27 31.79 3.04
C ALA C 344 -33.98 32.42 3.57
N HIS C 345 -33.02 32.75 2.70
CA HIS C 345 -31.72 33.40 3.02
C HIS C 345 -30.97 32.65 4.14
N LYS C 346 -31.20 31.34 4.27
CA LYS C 346 -30.66 30.51 5.38
C LYS C 346 -29.25 29.97 5.03
N LEU C 347 -28.70 30.30 3.86
CA LEU C 347 -27.36 29.82 3.41
C LEU C 347 -26.33 30.96 3.46
N THR C 348 -25.08 30.63 3.79
CA THR C 348 -23.96 31.61 3.93
C THR C 348 -22.96 31.42 2.79
N ARG C 349 -22.74 30.18 2.34
CA ARG C 349 -21.90 29.86 1.16
C ARG C 349 -22.81 29.65 -0.05
N ARG C 350 -22.26 29.76 -1.26
CA ARG C 350 -22.99 29.46 -2.52
C ARG C 350 -23.13 27.94 -2.62
N ALA C 351 -24.35 27.46 -2.89
CA ALA C 351 -24.67 26.02 -3.04
C ALA C 351 -24.16 25.50 -4.38
N ILE C 352 -23.45 24.37 -4.36
CA ILE C 352 -23.14 23.58 -5.59
C ILE C 352 -23.85 22.23 -5.45
N LEU C 353 -24.63 21.79 -6.45
CA LEU C 353 -25.29 20.45 -6.44
C LEU C 353 -24.44 19.47 -7.26
N THR C 354 -24.28 18.22 -6.77
CA THR C 354 -23.31 17.22 -7.29
C THR C 354 -24.04 16.01 -7.91
PA NAD D . 15.47 -40.48 12.16
O1A NAD D . 16.75 -41.18 11.86
O2A NAD D . 14.49 -41.07 13.12
O5B NAD D . 14.71 -40.15 10.78
C5B NAD D . 15.35 -39.69 9.58
C4B NAD D . 14.55 -40.24 8.42
O4B NAD D . 15.08 -39.72 7.16
C3B NAD D . 14.57 -41.78 8.27
O3B NAD D . 13.24 -42.26 8.21
C2B NAD D . 15.42 -42.00 7.00
O2B NAD D . 15.14 -43.18 6.29
C1B NAD D . 15.01 -40.76 6.22
N9A NAD D . 15.86 -40.42 5.10
C8A NAD D . 17.23 -40.47 5.04
N7A NAD D . 17.71 -40.05 3.91
C5A NAD D . 16.61 -39.65 3.17
C6A NAD D . 16.46 -39.10 1.88
N6A NAD D . 17.50 -38.83 1.09
N1A NAD D . 15.21 -38.80 1.43
C2A NAD D . 14.19 -39.08 2.25
N3A NAD D . 14.20 -39.61 3.49
C4A NAD D . 15.46 -39.88 3.90
O3 NAD D . 15.77 -38.99 12.69
PN NAD D . 14.93 -38.04 13.66
O1N NAD D . 15.00 -38.55 15.05
O2N NAD D . 13.55 -37.82 13.14
O5D NAD D . 15.76 -36.68 13.45
C5D NAD D . 15.90 -36.27 12.06
C4D NAD D . 16.53 -34.90 11.99
O4D NAD D . 15.83 -34.01 12.89
C3D NAD D . 18.01 -34.84 12.41
O3D NAD D . 18.78 -34.06 11.50
C2D NAD D . 17.91 -34.24 13.82
O2D NAD D . 19.16 -33.71 14.22
C1D NAD D . 16.78 -33.23 13.60
N1N NAD D . 16.14 -32.70 14.83
C2N NAD D . 16.08 -31.35 15.03
C3N NAD D . 15.26 -30.80 16.00
C7N NAD D . 14.85 -29.35 15.86
O7N NAD D . 14.68 -28.66 16.87
N7N NAD D . 14.70 -28.86 14.63
C4N NAD D . 14.84 -31.62 17.03
C5N NAD D . 15.01 -33.00 16.91
C6N NAD D . 15.60 -33.52 15.76
S SO4 E . -4.93 -23.47 -5.70
O1 SO4 E . -6.09 -24.16 -5.22
O2 SO4 E . -3.99 -23.34 -4.65
O3 SO4 E . -4.36 -24.21 -6.78
O4 SO4 E . -5.32 -22.17 -6.17
S SO4 F . 2.52 -42.69 40.17
O1 SO4 F . 1.64 -42.97 41.27
O2 SO4 F . 3.52 -43.74 40.09
O3 SO4 F . 1.77 -42.66 38.94
O4 SO4 F . 3.17 -41.42 40.38
ZN ZN G . 14.98 -35.63 22.03
ZN ZN H . 15.61 -15.78 28.23
PA NAD I . 20.42 -2.68 -10.25
O1A NAD I . 21.35 -3.17 -11.32
O2A NAD I . 19.90 -1.29 -10.35
O5B NAD I . 21.12 -2.88 -8.82
C5B NAD I . 21.93 -4.04 -8.55
C4B NAD I . 23.09 -3.65 -7.69
O4B NAD I . 23.82 -4.84 -7.27
C3B NAD I . 24.13 -2.74 -8.35
O3B NAD I . 24.24 -1.54 -7.60
C2B NAD I . 25.40 -3.62 -8.39
O2B NAD I . 26.61 -2.89 -8.35
C1B NAD I . 25.17 -4.49 -7.17
N9A NAD I . 25.95 -5.72 -7.09
C8A NAD I . 26.25 -6.59 -8.10
N7A NAD I . 26.93 -7.64 -7.70
C5A NAD I . 27.06 -7.48 -6.33
C6A NAD I . 27.65 -8.26 -5.31
N6A NAD I . 28.25 -9.42 -5.52
N1A NAD I . 27.57 -7.81 -4.04
C2A NAD I . 26.96 -6.63 -3.82
N3A NAD I . 26.36 -5.81 -4.69
C4A NAD I . 26.44 -6.29 -5.94
O3 NAD I . 19.17 -3.67 -10.11
PN NAD I . 17.66 -3.44 -9.60
O1N NAD I . 16.78 -2.98 -10.72
O2N NAD I . 17.74 -2.59 -8.38
O5D NAD I . 17.21 -4.92 -9.18
C5D NAD I . 18.21 -5.91 -8.91
C4D NAD I . 17.56 -7.28 -8.87
O4D NAD I . 16.24 -7.16 -8.29
C3D NAD I . 17.37 -7.96 -10.24
O3D NAD I . 17.73 -9.33 -10.08
C2D NAD I . 15.89 -7.69 -10.52
O2D NAD I . 15.28 -8.58 -11.44
C1D NAD I . 15.33 -7.89 -9.11
N1N NAD I . 13.96 -7.34 -8.90
C2N NAD I . 12.99 -8.15 -8.40
C3N NAD I . 11.73 -7.63 -8.15
C7N NAD I . 10.84 -8.40 -7.21
O7N NAD I . 9.62 -8.41 -7.38
N7N NAD I . 11.46 -9.03 -6.21
C4N NAD I . 11.36 -6.42 -8.76
C5N NAD I . 12.34 -5.65 -9.35
C6N NAD I . 13.65 -6.06 -9.23
S SO4 J . 20.09 -8.95 21.01
O1 SO4 J . 19.16 -9.67 21.85
O2 SO4 J . 21.40 -9.59 21.11
O3 SO4 J . 20.16 -7.58 21.43
O4 SO4 J . 19.65 -9.00 19.66
S SO4 K . -5.58 0.30 -28.78
O1 SO4 K . -5.12 0.71 -27.49
O2 SO4 K . -5.80 -1.11 -28.78
O3 SO4 K . -4.61 0.64 -29.79
O4 SO4 K . -6.83 0.97 -29.09
ZN ZN L . 10.42 -1.84 -12.66
ZN ZN M . -6.63 -12.89 -8.10
PA NAD N . -27.05 38.67 -3.74
O1A NAD N . -28.35 38.62 -3.03
O2A NAD N . -25.96 37.72 -3.34
O5B NAD N . -26.46 40.15 -3.67
C5B NAD N . -27.04 41.12 -2.77
C4B NAD N . -25.96 41.68 -1.86
O4B NAD N . -26.09 43.12 -1.81
C3B NAD N . -26.00 41.23 -0.40
O3B NAD N . -24.67 41.23 0.11
C2B NAD N . -26.90 42.30 0.24
O2B NAD N . -26.79 42.45 1.64
C1B NAD N . -26.37 43.52 -0.49
N9A NAD N . -27.30 44.63 -0.55
C8A NAD N . -28.64 44.56 -0.84
N7A NAD N . -29.22 45.74 -0.85
C5A NAD N . -28.20 46.63 -0.56
C6A NAD N . -28.16 48.03 -0.44
N6A NAD N . -29.24 48.79 -0.59
N1A NAD N . -26.97 48.61 -0.14
C2A NAD N . -25.89 47.83 -0.01
N3A NAD N . -25.80 46.52 -0.10
C4A NAD N . -27.00 45.97 -0.38
O3 NAD N . -27.33 38.54 -5.31
PN NAD N . -26.35 38.21 -6.55
O1N NAD N . -26.70 36.87 -7.10
O2N NAD N . -24.95 38.48 -6.10
O5D NAD N . -26.78 39.30 -7.64
C5D NAD N . -26.93 40.72 -7.38
C4D NAD N . -27.65 41.34 -8.55
O4D NAD N . -26.86 41.07 -9.73
C3D NAD N . -29.04 40.76 -8.82
O3D NAD N . -30.00 41.76 -9.09
C2D NAD N . -28.82 39.86 -10.04
O2D NAD N . -29.93 39.80 -10.92
C1D NAD N . -27.69 40.58 -10.76
N1N NAD N . -26.91 39.72 -11.69
C2N NAD N . -26.51 40.26 -12.87
C3N NAD N . -25.80 39.50 -13.79
C7N NAD N . -25.23 40.26 -14.95
O7N NAD N . -25.00 39.70 -16.03
N7N NAD N . -24.99 41.56 -14.75
C4N NAD N . -25.66 38.12 -13.57
C5N NAD N . -26.15 37.58 -12.40
C6N NAD N . -26.61 38.43 -11.41
ZN ZN O . -25.87 32.38 -12.06
ZN ZN P . -23.43 36.07 -32.90
#